data_6AWJ
#
_entry.id   6AWJ
#
_cell.length_a   73.242
_cell.length_b   57.285
_cell.length_c   133.751
_cell.angle_alpha   90.000
_cell.angle_beta   99.840
_cell.angle_gamma   90.000
#
_symmetry.space_group_name_H-M   'P 1 21 1'
#
loop_
_entity.id
_entity.type
_entity.pdbx_description
1 polymer 'Type II pantothenate kinase'
2 non-polymer "ADENOSINE-5'-DIPHOSPHATE"
3 non-polymer (2R)-2-hydroxy-N-{3-[(5-methoxypentyl)amino]-3-oxopropyl}-3,3-dimethylbutanamide
4 water water
#
_entity_poly.entity_id   1
_entity_poly.type   'polypeptide(L)'
_entity_poly.pdbx_seq_one_letter_code
;MKVGIDAGGTLIKIVQEQDNQRTFKTELTKNIDQVVEWLNQQQIEKLCLTGGNAGVIAENINIPAQIFVEFDAASQGLGI
LLKEQGHDLADYIFANVGTGTSLHYFDGQSQRRVGGIGTGGGMIQGLGYLLSQITDYKQLTDMAQHGDRNTIDLKVRHIY
KDTEPPIPGDLTAANFGHVLHHLDADFTPSNKLAAVIGVVGEVVTTMAITVAREFKTENIVYIGSSFHNNALLRKVVEDY
TVLRGCKPYYVENGAFSGAIGALYLE
;
_entity_poly.pdbx_strand_id   A,B,C,D
#
# COMPACT_ATOMS: atom_id res chain seq x y z
N MET A 1 43.17 -22.93 -10.78
CA MET A 1 42.07 -22.18 -10.07
C MET A 1 42.56 -21.53 -8.78
N LYS A 2 42.32 -20.23 -8.66
CA LYS A 2 42.57 -19.49 -7.44
C LYS A 2 41.21 -19.08 -6.86
N VAL A 3 41.12 -18.98 -5.53
CA VAL A 3 39.82 -18.76 -4.83
C VAL A 3 39.92 -17.77 -3.70
N GLY A 4 38.98 -16.84 -3.67
CA GLY A 4 38.85 -15.90 -2.58
C GLY A 4 37.49 -16.07 -1.95
N ILE A 5 37.42 -16.00 -0.63
CA ILE A 5 36.18 -16.18 0.09
C ILE A 5 36.04 -15.09 1.17
N ASP A 6 34.89 -14.41 1.19
CA ASP A 6 34.52 -13.49 2.28
C ASP A 6 33.38 -14.15 3.03
N ALA A 7 33.71 -14.79 4.12
CA ALA A 7 32.74 -15.53 4.91
C ALA A 7 32.16 -14.61 6.01
N GLY A 8 31.04 -13.98 5.72
CA GLY A 8 30.43 -13.03 6.61
C GLY A 8 29.49 -13.68 7.58
N GLY A 9 28.81 -12.83 8.36
CA GLY A 9 27.83 -13.29 9.33
C GLY A 9 26.60 -13.93 8.71
N THR A 10 26.19 -13.40 7.57
CA THR A 10 25.00 -13.91 6.87
C THR A 10 25.31 -14.60 5.53
N LEU A 11 26.18 -14.00 4.70
CA LEU A 11 26.48 -14.61 3.39
C LEU A 11 27.97 -14.96 3.22
N ILE A 12 28.21 -16.07 2.51
CA ILE A 12 29.56 -16.45 2.13
C ILE A 12 29.74 -16.09 0.67
N LYS A 13 30.68 -15.21 0.37
CA LYS A 13 30.93 -14.75 -0.99
C LYS A 13 32.18 -15.42 -1.55
N ILE A 14 32.06 -16.00 -2.72
CA ILE A 14 33.12 -16.81 -3.27
C ILE A 14 33.42 -16.27 -4.64
N VAL A 15 34.70 -16.02 -4.91
CA VAL A 15 35.21 -15.68 -6.23
C VAL A 15 36.17 -16.78 -6.61
N GLN A 16 35.93 -17.39 -7.78
CA GLN A 16 36.88 -18.31 -8.40
C GLN A 16 37.52 -17.64 -9.61
N GLU A 17 38.84 -17.67 -9.70
CA GLU A 17 39.57 -17.20 -10.88
C GLU A 17 40.32 -18.32 -11.58
N GLN A 18 40.16 -18.37 -12.90
CA GLN A 18 40.71 -19.43 -13.70
C GLN A 18 41.05 -18.87 -15.06
N ASP A 19 42.33 -18.55 -15.28
CA ASP A 19 42.76 -18.08 -16.59
C ASP A 19 42.08 -16.72 -16.93
N ASN A 20 42.03 -15.81 -15.95
CA ASN A 20 41.30 -14.52 -16.07
C ASN A 20 39.76 -14.59 -16.31
N GLN A 21 39.13 -15.77 -16.15
CA GLN A 21 37.68 -15.93 -16.16
C GLN A 21 37.30 -15.98 -14.70
N ARG A 22 36.35 -15.14 -14.30
CA ARG A 22 35.98 -14.94 -12.90
C ARG A 22 34.58 -15.47 -12.66
N THR A 23 34.40 -16.19 -11.57
CA THR A 23 33.07 -16.70 -11.21
C THR A 23 32.65 -16.05 -9.91
N PHE A 24 31.40 -15.62 -9.82
CA PHE A 24 30.88 -15.01 -8.59
C PHE A 24 29.77 -15.84 -7.99
N LYS A 25 29.95 -16.27 -6.75
CA LYS A 25 29.05 -17.20 -6.13
C LYS A 25 28.70 -16.80 -4.74
N THR A 26 27.41 -16.92 -4.40
CA THR A 26 26.91 -16.70 -3.03
C THR A 26 26.32 -17.98 -2.41
N GLU A 27 26.60 -18.15 -1.13
CA GLU A 27 26.02 -19.22 -0.34
C GLU A 27 25.76 -18.68 1.07
N LEU A 28 24.72 -19.20 1.69
CA LEU A 28 24.36 -18.81 3.04
C LEU A 28 25.41 -19.28 4.07
N THR A 29 25.64 -18.43 5.08
CA THR A 29 26.54 -18.77 6.18
C THR A 29 25.99 -19.94 6.95
N LYS A 30 24.69 -19.98 7.11
CA LYS A 30 24.01 -21.16 7.62
C LYS A 30 24.52 -22.49 6.99
N ASN A 31 24.82 -22.45 5.68
CA ASN A 31 25.30 -23.60 4.91
C ASN A 31 26.81 -23.63 4.69
N ILE A 32 27.55 -23.04 5.62
CA ILE A 32 29.00 -23.10 5.60
C ILE A 32 29.56 -24.53 5.44
N ASP A 33 28.88 -25.51 6.05
CA ASP A 33 29.26 -26.96 5.91
C ASP A 33 29.42 -27.38 4.45
N GLN A 34 28.47 -27.01 3.61
CA GLN A 34 28.49 -27.35 2.19
C GLN A 34 29.56 -26.62 1.40
N VAL A 35 29.93 -25.43 1.87
CA VAL A 35 31.05 -24.70 1.29
C VAL A 35 32.37 -25.41 1.57
N VAL A 36 32.56 -25.83 2.81
CA VAL A 36 33.73 -26.60 3.20
C VAL A 36 33.87 -27.92 2.38
N GLU A 37 32.75 -28.58 2.15
CA GLU A 37 32.71 -29.85 1.42
C GLU A 37 33.10 -29.64 -0.04
N TRP A 38 32.51 -28.61 -0.65
CA TRP A 38 32.85 -28.16 -2.02
C TRP A 38 34.34 -27.89 -2.17
N LEU A 39 34.90 -27.18 -1.20
CA LEU A 39 36.31 -26.83 -1.21
C LEU A 39 37.18 -28.06 -1.16
N ASN A 40 36.81 -29.03 -0.33
CA ASN A 40 37.68 -30.21 -0.16
C ASN A 40 37.76 -31.11 -1.39
N GLN A 41 36.78 -31.00 -2.30
CA GLN A 41 36.77 -31.70 -3.59
C GLN A 41 37.60 -31.05 -4.69
N GLN A 42 37.93 -29.76 -4.55
CA GLN A 42 38.56 -28.96 -5.63
C GLN A 42 40.09 -28.98 -5.69
N GLN A 43 40.61 -28.77 -6.90
CA GLN A 43 42.04 -28.56 -7.17
C GLN A 43 42.25 -27.03 -7.15
N ILE A 44 42.86 -26.52 -6.06
CA ILE A 44 42.98 -25.07 -5.82
C ILE A 44 44.46 -24.66 -5.71
N GLU A 45 44.87 -23.77 -6.60
CA GLU A 45 46.25 -23.27 -6.61
C GLU A 45 46.53 -22.33 -5.45
N LYS A 46 45.53 -21.56 -5.05
CA LYS A 46 45.67 -20.58 -3.97
C LYS A 46 44.31 -20.33 -3.37
N LEU A 47 44.24 -20.34 -2.04
CA LEU A 47 43.00 -20.09 -1.32
C LEU A 47 43.21 -18.96 -0.34
N CYS A 48 42.45 -17.88 -0.49
CA CYS A 48 42.52 -16.73 0.42
C CYS A 48 41.19 -16.51 1.10
N LEU A 49 41.25 -16.16 2.38
CA LEU A 49 40.09 -16.09 3.22
C LEU A 49 40.00 -14.75 3.92
N THR A 50 38.77 -14.30 4.13
CA THR A 50 38.51 -13.15 4.95
C THR A 50 37.09 -13.18 5.52
N GLY A 51 36.85 -12.32 6.50
CA GLY A 51 35.59 -12.21 7.20
C GLY A 51 35.56 -13.04 8.47
N GLY A 52 34.49 -12.86 9.23
CA GLY A 52 34.35 -13.45 10.56
C GLY A 52 34.33 -14.97 10.64
N ASN A 53 33.78 -15.62 9.63
CA ASN A 53 33.72 -17.07 9.56
C ASN A 53 34.85 -17.69 8.76
N ALA A 54 35.87 -16.91 8.40
CA ALA A 54 37.04 -17.45 7.73
C ALA A 54 37.63 -18.59 8.55
N GLY A 55 37.72 -18.41 9.86
CA GLY A 55 38.33 -19.40 10.74
C GLY A 55 37.63 -20.73 10.72
N VAL A 56 36.31 -20.68 10.72
CA VAL A 56 35.47 -21.90 10.67
C VAL A 56 35.79 -22.72 9.42
N ILE A 57 36.00 -22.02 8.32
CA ILE A 57 36.37 -22.64 7.06
C ILE A 57 37.78 -23.22 7.15
N ALA A 58 38.73 -22.36 7.53
CA ALA A 58 40.16 -22.72 7.58
C ALA A 58 40.46 -23.97 8.43
N GLU A 59 39.74 -24.12 9.53
CA GLU A 59 39.90 -25.25 10.43
C GLU A 59 39.41 -26.58 9.80
N ASN A 60 38.25 -26.52 9.15
CA ASN A 60 37.62 -27.69 8.54
C ASN A 60 38.04 -28.06 7.11
N ILE A 61 39.05 -27.39 6.55
CA ILE A 61 39.57 -27.72 5.22
C ILE A 61 40.90 -28.44 5.29
N ASN A 62 41.20 -29.15 4.21
CA ASN A 62 42.35 -30.06 4.12
C ASN A 62 43.55 -29.42 3.46
N ILE A 63 43.41 -28.15 3.09
CA ILE A 63 44.51 -27.44 2.44
C ILE A 63 44.86 -26.15 3.21
N PRO A 64 46.09 -25.66 3.07
CA PRO A 64 46.42 -24.35 3.63
C PRO A 64 45.61 -23.19 3.06
N ALA A 65 45.59 -22.09 3.78
CA ALA A 65 44.85 -20.90 3.37
C ALA A 65 45.34 -19.64 4.06
N GLN A 66 45.73 -18.64 3.27
CA GLN A 66 46.01 -17.31 3.82
C GLN A 66 44.72 -16.61 4.26
N ILE A 67 44.81 -15.92 5.38
CA ILE A 67 43.68 -15.22 6.00
C ILE A 67 44.04 -13.74 6.16
N PHE A 68 43.16 -12.88 5.68
CA PHE A 68 43.38 -11.47 5.65
C PHE A 68 42.29 -10.83 6.49
N VAL A 69 42.58 -9.64 7.00
CA VAL A 69 41.59 -8.80 7.68
C VAL A 69 40.61 -8.23 6.64
N GLU A 70 39.31 -8.30 6.94
CA GLU A 70 38.27 -7.94 6.00
C GLU A 70 38.25 -6.49 5.55
N PHE A 71 38.72 -5.56 6.39
CA PHE A 71 38.73 -4.15 6.03
C PHE A 71 39.74 -3.88 4.92
N ASP A 72 40.91 -4.44 5.05
CA ASP A 72 41.88 -4.30 4.00
C ASP A 72 41.49 -5.04 2.72
N ALA A 73 40.86 -6.19 2.87
CA ALA A 73 40.49 -6.99 1.70
C ALA A 73 39.41 -6.26 0.90
N ALA A 74 38.33 -5.84 1.57
CA ALA A 74 37.27 -5.03 0.96
C ALA A 74 37.81 -3.81 0.23
N SER A 75 38.72 -3.09 0.86
CA SER A 75 39.30 -1.89 0.23
C SER A 75 40.01 -2.26 -1.07
N GLN A 76 40.75 -3.36 -1.06
CA GLN A 76 41.58 -3.72 -2.23
C GLN A 76 40.72 -4.24 -3.39
N GLY A 77 39.73 -5.07 -3.07
CA GLY A 77 38.79 -5.59 -4.06
C GLY A 77 37.95 -4.50 -4.67
N LEU A 78 37.61 -3.49 -3.87
CA LEU A 78 36.73 -2.43 -4.32
C LEU A 78 37.46 -1.51 -5.29
N GLY A 79 38.71 -1.19 -4.98
CA GLY A 79 39.58 -0.46 -5.90
C GLY A 79 39.82 -1.18 -7.22
N ILE A 80 39.91 -2.52 -7.18
CA ILE A 80 40.01 -3.33 -8.40
C ILE A 80 38.72 -3.19 -9.23
N LEU A 81 37.57 -3.42 -8.62
CA LEU A 81 36.29 -3.18 -9.29
C LEU A 81 36.02 -1.71 -9.74
N LEU A 82 36.45 -0.70 -8.96
CA LEU A 82 36.27 0.73 -9.33
C LEU A 82 37.02 1.10 -10.59
N LYS A 83 38.28 0.71 -10.66
CA LYS A 83 39.09 0.78 -11.89
C LYS A 83 38.45 0.07 -13.10
N GLU A 84 38.10 -1.20 -12.92
CA GLU A 84 37.50 -2.01 -13.99
C GLU A 84 36.26 -1.38 -14.59
N GLN A 85 35.49 -0.67 -13.75
CA GLN A 85 34.21 -0.05 -14.13
C GLN A 85 34.29 1.44 -14.38
N GLY A 86 35.50 1.95 -14.61
CA GLY A 86 35.68 3.29 -15.17
C GLY A 86 35.65 4.46 -14.22
N HIS A 87 35.71 4.19 -12.92
CA HIS A 87 35.82 5.22 -11.88
C HIS A 87 37.27 5.42 -11.45
N ASP A 88 37.78 6.64 -11.55
CA ASP A 88 39.08 6.98 -10.96
C ASP A 88 38.78 8.04 -9.94
N LEU A 89 38.54 7.59 -8.72
CA LEU A 89 38.21 8.47 -7.60
C LEU A 89 39.44 8.69 -6.79
N ALA A 90 39.86 9.93 -6.69
CA ALA A 90 41.08 10.26 -5.97
C ALA A 90 41.02 9.73 -4.50
N ASP A 91 39.87 9.98 -3.86
CA ASP A 91 39.57 9.53 -2.49
C ASP A 91 38.08 9.23 -2.37
N TYR A 92 37.66 8.70 -1.23
CA TYR A 92 36.27 8.33 -1.00
C TYR A 92 36.01 7.67 0.37
N ILE A 93 34.80 7.86 0.85
CA ILE A 93 34.24 7.04 1.90
C ILE A 93 33.66 5.77 1.24
N PHE A 94 33.83 4.63 1.89
CA PHE A 94 33.02 3.48 1.50
C PHE A 94 32.29 2.91 2.70
N ALA A 95 31.07 2.52 2.44
CA ALA A 95 30.17 2.08 3.48
C ALA A 95 29.85 0.67 3.10
N ASN A 96 30.42 -0.26 3.86
CA ASN A 96 30.20 -1.70 3.61
C ASN A 96 28.93 -2.11 4.38
N VAL A 97 27.82 -2.22 3.67
CA VAL A 97 26.51 -2.45 4.28
C VAL A 97 26.13 -3.93 4.25
N GLY A 98 26.53 -4.61 5.29
CA GLY A 98 26.33 -6.06 5.40
C GLY A 98 25.32 -6.40 6.46
N THR A 99 25.62 -7.43 7.23
CA THR A 99 24.76 -7.75 8.37
C THR A 99 24.70 -6.50 9.28
N GLY A 100 25.88 -5.90 9.49
CA GLY A 100 26.00 -4.57 10.01
C GLY A 100 26.75 -3.72 9.01
N THR A 101 26.96 -2.45 9.39
CA THR A 101 27.65 -1.50 8.57
C THR A 101 28.97 -1.00 9.17
N SER A 102 30.03 -1.10 8.38
CA SER A 102 31.34 -0.53 8.66
C SER A 102 31.66 0.57 7.66
N LEU A 103 32.18 1.69 8.13
CA LEU A 103 32.51 2.80 7.26
C LEU A 103 33.99 3.09 7.23
N HIS A 104 34.48 3.43 6.04
CA HIS A 104 35.89 3.54 5.78
C HIS A 104 36.21 4.78 5.01
N TYR A 105 37.37 5.37 5.26
CA TYR A 105 37.90 6.43 4.43
C TYR A 105 39.12 5.87 3.67
N PHE A 106 39.04 5.87 2.34
CA PHE A 106 40.15 5.55 1.46
C PHE A 106 40.77 6.85 0.94
N ASP A 107 42.04 7.10 1.27
CA ASP A 107 42.72 8.38 0.91
C ASP A 107 43.42 8.40 -0.45
N GLY A 108 43.32 7.31 -1.21
CA GLY A 108 43.98 7.18 -2.51
C GLY A 108 45.01 6.05 -2.52
N GLN A 109 45.57 5.75 -1.35
CA GLN A 109 46.52 4.65 -1.21
C GLN A 109 46.03 3.58 -0.27
N SER A 110 45.42 3.97 0.83
CA SER A 110 44.97 2.99 1.80
C SER A 110 43.76 3.46 2.57
N GLN A 111 43.17 2.53 3.31
CA GLN A 111 41.92 2.74 4.03
C GLN A 111 42.08 2.77 5.50
N ARG A 112 41.10 3.41 6.13
CA ARG A 112 41.02 3.48 7.57
C ARG A 112 39.54 3.39 7.95
N ARG A 113 39.23 2.56 8.94
CA ARG A 113 37.88 2.52 9.50
C ARG A 113 37.62 3.81 10.31
N VAL A 114 36.59 4.53 9.92
CA VAL A 114 36.26 5.78 10.58
C VAL A 114 34.93 5.71 11.29
N GLY A 115 34.32 4.53 11.33
CA GLY A 115 33.08 4.35 12.07
C GLY A 115 32.31 3.10 11.72
N GLY A 116 31.24 2.87 12.44
CA GLY A 116 30.37 1.77 12.13
C GLY A 116 29.11 1.89 12.88
N ILE A 117 28.12 1.12 12.45
CA ILE A 117 26.82 1.14 13.11
C ILE A 117 26.15 -0.19 12.86
N GLY A 118 25.29 -0.59 13.78
CA GLY A 118 24.56 -1.85 13.67
C GLY A 118 23.25 -1.77 12.90
N THR A 119 23.01 -0.66 12.19
CA THR A 119 21.93 -0.57 11.23
C THR A 119 22.44 -0.99 9.86
N GLY A 120 21.85 -2.06 9.36
CA GLY A 120 22.33 -2.70 8.14
C GLY A 120 21.36 -3.77 7.73
N GLY A 121 21.85 -4.77 7.01
CA GLY A 121 21.03 -5.84 6.45
C GLY A 121 20.40 -6.73 7.50
N GLY A 122 21.16 -7.01 8.56
CA GLY A 122 20.73 -7.88 9.63
C GLY A 122 19.56 -7.29 10.35
N MET A 123 19.52 -5.97 10.42
CA MET A 123 18.38 -5.28 11.01
C MET A 123 17.18 -5.33 10.07
N ILE A 124 17.42 -5.28 8.76
CA ILE A 124 16.31 -5.34 7.83
C ILE A 124 15.62 -6.69 7.94
N GLN A 125 16.42 -7.73 7.98
CA GLN A 125 15.89 -9.12 8.18
C GLN A 125 15.24 -9.34 9.55
N GLY A 126 15.92 -8.91 10.59
CA GLY A 126 15.51 -9.23 11.96
C GLY A 126 14.32 -8.45 12.41
N LEU A 127 14.42 -7.12 12.33
CA LEU A 127 13.28 -6.25 12.65
C LEU A 127 12.16 -6.50 11.64
N GLY A 128 12.55 -6.79 10.40
CA GLY A 128 11.59 -7.13 9.33
C GLY A 128 10.76 -8.31 9.75
N TYR A 129 11.44 -9.33 10.24
CA TYR A 129 10.77 -10.50 10.79
C TYR A 129 9.82 -10.14 11.92
N LEU A 130 10.29 -9.37 12.88
CA LEU A 130 9.42 -9.02 14.01
C LEU A 130 8.17 -8.26 13.56
N LEU A 131 8.27 -7.43 12.55
CA LEU A 131 7.13 -6.67 12.12
C LEU A 131 6.20 -7.37 11.11
N SER A 132 6.59 -8.55 10.63
CA SER A 132 5.86 -9.20 9.52
C SER A 132 5.78 -10.72 9.54
N GLN A 133 6.60 -11.34 10.36
CA GLN A 133 6.76 -12.79 10.46
C GLN A 133 7.32 -13.45 9.17
N ILE A 134 7.77 -12.63 8.21
CA ILE A 134 8.39 -13.10 6.97
C ILE A 134 9.88 -13.38 7.30
N THR A 135 10.33 -14.60 7.03
CA THR A 135 11.73 -14.97 7.20
C THR A 135 12.49 -15.05 5.86
N ASP A 136 11.78 -15.22 4.74
CA ASP A 136 12.41 -15.36 3.43
C ASP A 136 12.82 -14.00 2.96
N TYR A 137 14.11 -13.87 2.64
CA TYR A 137 14.70 -12.57 2.30
C TYR A 137 14.10 -11.93 1.03
N LYS A 138 14.00 -12.73 -0.02
CA LYS A 138 13.46 -12.27 -1.33
C LYS A 138 12.05 -11.71 -1.12
N GLN A 139 11.24 -12.52 -0.47
CA GLN A 139 9.86 -12.20 -0.14
C GLN A 139 9.76 -10.92 0.72
N LEU A 140 10.56 -10.85 1.78
CA LEU A 140 10.65 -9.69 2.66
C LEU A 140 10.95 -8.41 1.92
N THR A 141 12.01 -8.44 1.11
CA THR A 141 12.42 -7.29 0.33
C THR A 141 11.48 -6.95 -0.82
N ASP A 142 10.91 -7.95 -1.50
CA ASP A 142 9.89 -7.66 -2.53
C ASP A 142 8.70 -6.90 -1.96
N MET A 143 8.24 -7.36 -0.81
CA MET A 143 7.06 -6.85 -0.15
C MET A 143 7.24 -5.39 0.24
N ALA A 144 8.46 -5.04 0.66
CA ALA A 144 8.79 -3.69 1.11
C ALA A 144 8.81 -2.69 -0.01
N GLN A 145 9.03 -3.15 -1.24
CA GLN A 145 9.14 -2.27 -2.40
C GLN A 145 7.67 -1.71 -2.62
N HIS A 146 6.70 -2.57 -2.31
CA HIS A 146 5.27 -2.23 -2.47
C HIS A 146 4.69 -1.32 -1.34
N GLY A 147 5.57 -0.80 -0.44
CA GLY A 147 5.24 -0.01 0.73
C GLY A 147 5.25 1.50 0.75
N ASP A 148 4.39 2.08 1.59
CA ASP A 148 4.23 3.52 1.75
C ASP A 148 4.59 3.88 3.19
N ARG A 149 5.39 4.92 3.33
CA ARG A 149 5.94 5.30 4.61
C ARG A 149 5.21 6.48 5.26
N ASN A 150 4.39 7.20 4.50
CA ASN A 150 3.76 8.46 4.92
C ASN A 150 2.96 8.42 6.27
N THR A 151 2.29 7.31 6.56
CA THR A 151 1.54 7.18 7.83
C THR A 151 2.45 6.77 8.96
N ILE A 152 3.66 6.33 8.64
CA ILE A 152 4.61 5.83 9.64
C ILE A 152 5.64 6.92 10.02
N ASP A 153 6.28 7.56 9.04
CA ASP A 153 7.35 8.51 9.28
C ASP A 153 6.82 9.91 9.41
N LEU A 154 7.51 10.69 10.22
CA LEU A 154 7.21 12.08 10.48
C LEU A 154 8.27 12.90 9.83
N LYS A 155 7.83 13.94 9.14
CA LYS A 155 8.68 14.84 8.33
C LYS A 155 8.82 16.18 9.05
N VAL A 156 9.88 16.92 8.73
CA VAL A 156 10.11 18.22 9.34
C VAL A 156 8.90 19.17 9.21
N ARG A 157 8.21 19.11 8.08
CA ARG A 157 7.04 19.96 7.87
C ARG A 157 5.82 19.57 8.69
N HIS A 158 5.80 18.34 9.21
CA HIS A 158 4.72 17.89 10.08
C HIS A 158 4.83 18.51 11.44
N ILE A 159 6.01 18.89 11.80
CA ILE A 159 6.27 19.46 13.09
C ILE A 159 6.19 20.95 13.07
N TYR A 160 6.61 21.56 12.00
CA TYR A 160 6.62 22.97 11.86
C TYR A 160 5.39 23.54 11.24
N LYS A 161 4.37 22.72 11.06
CA LYS A 161 3.10 23.07 10.49
C LYS A 161 3.10 24.08 9.37
N ASP A 162 2.75 25.30 9.71
CA ASP A 162 2.66 26.34 8.75
C ASP A 162 3.70 27.37 8.98
N THR A 163 4.82 26.95 9.48
CA THR A 163 5.91 27.84 9.72
C THR A 163 7.05 27.55 8.77
N GLU A 164 7.95 28.50 8.61
CA GLU A 164 9.13 28.21 7.83
C GLU A 164 10.05 27.33 8.69
N PRO A 165 10.34 26.07 8.26
CA PRO A 165 11.29 25.27 9.07
C PRO A 165 12.75 25.74 8.86
N PRO A 166 13.64 25.47 9.83
CA PRO A 166 15.04 25.88 9.71
C PRO A 166 15.93 24.82 9.06
N ILE A 167 15.33 23.72 8.66
CA ILE A 167 15.94 22.78 7.72
C ILE A 167 14.86 22.34 6.75
N PRO A 168 15.26 21.78 5.59
CA PRO A 168 14.24 21.47 4.59
C PRO A 168 13.10 20.60 5.16
N GLY A 169 11.86 21.05 4.94
CA GLY A 169 10.62 20.44 5.43
C GLY A 169 10.27 19.04 4.93
N ASP A 170 10.86 18.64 3.80
CA ASP A 170 10.65 17.27 3.34
C ASP A 170 11.52 16.22 4.12
N LEU A 171 12.49 16.68 4.90
CA LEU A 171 13.38 15.74 5.59
C LEU A 171 12.58 14.88 6.54
N THR A 172 12.96 13.60 6.69
CA THR A 172 12.45 12.80 7.77
C THR A 172 12.93 13.41 9.08
N ALA A 173 11.96 13.71 9.95
CA ALA A 173 12.20 14.24 11.29
C ALA A 173 12.27 13.10 12.30
N ALA A 174 11.39 12.12 12.18
CA ALA A 174 11.29 11.04 13.13
C ALA A 174 10.76 9.79 12.48
N ASN A 175 11.64 8.82 12.39
CA ASN A 175 11.28 7.52 11.84
C ASN A 175 10.30 6.81 12.77
N PHE A 176 9.16 6.34 12.26
CA PHE A 176 8.07 5.79 13.07
C PHE A 176 7.43 6.89 13.95
N GLY A 177 7.75 8.15 13.69
CA GLY A 177 7.23 9.22 14.49
C GLY A 177 5.79 9.57 14.23
N HIS A 178 5.23 9.08 13.13
CA HIS A 178 3.83 9.35 12.76
C HIS A 178 2.89 8.25 13.22
N VAL A 179 3.45 7.09 13.54
CA VAL A 179 2.64 5.95 13.97
C VAL A 179 1.57 6.36 14.96
N LEU A 180 1.93 7.10 16.02
CA LEU A 180 0.94 7.48 17.06
C LEU A 180 -0.15 8.49 16.63
N HIS A 181 0.01 9.14 15.46
CA HIS A 181 -1.04 9.96 14.85
C HIS A 181 -1.98 9.21 13.86
N HIS A 182 -1.76 7.91 13.69
CA HIS A 182 -2.52 7.09 12.76
C HIS A 182 -2.86 5.78 13.42
N LEU A 183 -3.28 5.80 14.67
CA LEU A 183 -3.74 4.56 15.35
C LEU A 183 -5.10 4.07 14.85
N ASP A 184 -5.80 4.95 14.12
CA ASP A 184 -6.99 4.67 13.30
C ASP A 184 -6.50 4.37 11.85
N ALA A 185 -5.49 3.49 11.72
CA ALA A 185 -4.96 3.02 10.45
C ALA A 185 -4.34 1.68 10.79
N ASP A 186 -4.47 0.74 9.88
CA ASP A 186 -3.99 -0.61 10.15
C ASP A 186 -2.69 -0.86 9.37
N PHE A 187 -1.59 -0.88 10.13
CA PHE A 187 -0.23 -0.78 9.55
C PHE A 187 0.10 -2.08 8.83
N THR A 188 0.21 -1.99 7.50
CA THR A 188 0.34 -3.16 6.63
C THR A 188 1.81 -3.56 6.66
N PRO A 189 2.13 -4.86 6.52
CA PRO A 189 3.52 -5.31 6.43
C PRO A 189 4.39 -4.57 5.39
N SER A 190 3.81 -4.15 4.28
CA SER A 190 4.60 -3.40 3.27
C SER A 190 5.01 -2.05 3.78
N ASN A 191 4.07 -1.31 4.32
CA ASN A 191 4.37 0.01 4.91
C ASN A 191 5.43 -0.09 5.99
N LYS A 192 5.30 -1.10 6.81
CA LYS A 192 6.14 -1.26 7.94
C LYS A 192 7.50 -1.64 7.44
N LEU A 193 7.57 -2.60 6.55
CA LEU A 193 8.87 -2.98 5.95
C LEU A 193 9.54 -1.86 5.18
N ALA A 194 8.78 -1.05 4.51
CA ALA A 194 9.36 0.09 3.80
C ALA A 194 10.02 1.09 4.78
N ALA A 195 9.47 1.18 5.98
CA ALA A 195 9.94 2.08 7.06
C ALA A 195 11.17 1.56 7.80
N VAL A 196 11.29 0.25 7.93
CA VAL A 196 12.51 -0.41 8.40
C VAL A 196 13.68 -0.07 7.49
N ILE A 197 13.51 -0.33 6.21
CA ILE A 197 14.52 -0.01 5.23
C ILE A 197 14.80 1.49 5.19
N GLY A 198 13.72 2.27 5.21
CA GLY A 198 13.78 3.72 5.30
C GLY A 198 14.75 4.18 6.39
N VAL A 199 14.56 3.69 7.63
CA VAL A 199 15.42 4.08 8.74
C VAL A 199 16.86 3.58 8.59
N VAL A 200 17.02 2.34 8.17
CA VAL A 200 18.35 1.77 7.92
C VAL A 200 19.10 2.58 6.87
N GLY A 201 18.43 2.87 5.77
CA GLY A 201 18.98 3.69 4.67
C GLY A 201 19.41 5.05 5.13
N GLU A 202 18.58 5.72 5.92
CA GLU A 202 18.88 7.09 6.36
C GLU A 202 19.97 7.14 7.41
N VAL A 203 20.09 6.09 8.22
CA VAL A 203 21.15 6.06 9.24
C VAL A 203 22.49 5.84 8.56
N VAL A 204 22.55 4.87 7.68
CA VAL A 204 23.80 4.59 6.98
C VAL A 204 24.29 5.84 6.24
N THR A 205 23.41 6.41 5.45
CA THR A 205 23.72 7.60 4.65
C THR A 205 24.15 8.79 5.50
N THR A 206 23.41 9.08 6.56
CA THR A 206 23.76 10.17 7.49
C THR A 206 25.17 9.99 8.03
N MET A 207 25.47 8.76 8.47
CA MET A 207 26.79 8.44 8.98
C MET A 207 27.82 8.64 7.88
N ALA A 208 27.50 8.16 6.67
CA ALA A 208 28.44 8.26 5.54
C ALA A 208 28.72 9.70 5.10
N ILE A 209 27.68 10.54 5.00
CA ILE A 209 27.87 11.94 4.62
C ILE A 209 28.61 12.69 5.70
N THR A 210 28.42 12.29 6.95
CA THR A 210 29.08 12.96 8.08
C THR A 210 30.59 12.75 8.07
N VAL A 211 31.01 11.50 7.88
CA VAL A 211 32.44 11.20 7.76
C VAL A 211 33.03 11.65 6.41
N ALA A 212 32.21 11.74 5.37
CA ALA A 212 32.65 12.34 4.10
C ALA A 212 33.09 13.76 4.34
N ARG A 213 32.26 14.54 5.04
CA ARG A 213 32.60 15.91 5.40
C ARG A 213 33.88 15.97 6.27
N GLU A 214 33.94 15.15 7.29
CA GLU A 214 35.08 15.10 8.22
C GLU A 214 36.41 14.86 7.53
N PHE A 215 36.44 13.93 6.58
CA PHE A 215 37.67 13.60 5.83
C PHE A 215 37.75 14.28 4.45
N LYS A 216 36.91 15.31 4.27
CA LYS A 216 36.98 16.26 3.19
C LYS A 216 37.01 15.55 1.84
N THR A 217 36.11 14.58 1.65
CA THR A 217 35.80 13.97 0.35
C THR A 217 34.31 14.14 0.04
N GLU A 218 33.96 14.18 -1.24
CA GLU A 218 32.57 14.23 -1.66
C GLU A 218 32.09 12.87 -2.21
N ASN A 219 32.97 11.91 -2.26
CA ASN A 219 32.66 10.62 -2.86
C ASN A 219 32.33 9.56 -1.85
N ILE A 220 31.17 8.92 -2.05
CA ILE A 220 30.73 7.89 -1.15
C ILE A 220 30.37 6.66 -1.98
N VAL A 221 31.08 5.57 -1.72
CA VAL A 221 30.84 4.32 -2.40
C VAL A 221 30.11 3.36 -1.47
N TYR A 222 28.93 2.94 -1.89
CA TYR A 222 28.11 1.99 -1.14
C TYR A 222 28.29 0.56 -1.67
N ILE A 223 28.61 -0.37 -0.78
CA ILE A 223 28.71 -1.79 -1.12
C ILE A 223 28.03 -2.66 -0.10
N GLY A 224 28.04 -3.98 -0.33
CA GLY A 224 27.48 -5.00 0.56
C GLY A 224 26.27 -5.66 -0.08
N SER A 225 25.93 -6.86 0.34
CA SER A 225 24.79 -7.56 -0.20
C SER A 225 23.42 -6.93 0.13
N SER A 226 23.37 -6.07 1.15
CA SER A 226 22.13 -5.46 1.60
C SER A 226 21.39 -4.77 0.48
N PHE A 227 22.09 -4.50 -0.62
CA PHE A 227 21.49 -3.82 -1.76
C PHE A 227 20.80 -4.77 -2.78
N HIS A 228 21.19 -6.06 -2.81
CA HIS A 228 20.59 -7.03 -3.74
C HIS A 228 19.13 -7.19 -3.51
N ASN A 229 18.36 -7.13 -4.59
CA ASN A 229 16.89 -7.25 -4.54
C ASN A 229 16.21 -6.19 -3.64
N ASN A 230 16.87 -5.03 -3.49
CA ASN A 230 16.31 -3.96 -2.67
C ASN A 230 16.55 -2.58 -3.27
N ALA A 231 15.80 -2.32 -4.30
CA ALA A 231 15.87 -1.07 -5.03
C ALA A 231 15.51 0.07 -4.12
N LEU A 232 14.57 -0.20 -3.22
CA LEU A 232 14.14 0.82 -2.25
C LEU A 232 15.27 1.29 -1.34
N LEU A 233 16.07 0.36 -0.85
CA LEU A 233 17.26 0.71 -0.11
C LEU A 233 18.30 1.56 -0.93
N ARG A 234 18.55 1.22 -2.19
CA ARG A 234 19.40 2.06 -3.02
C ARG A 234 18.85 3.47 -3.17
N LYS A 235 17.55 3.56 -3.41
CA LYS A 235 16.95 4.85 -3.76
C LYS A 235 17.04 5.84 -2.58
N VAL A 236 16.70 5.33 -1.41
CA VAL A 236 16.72 6.07 -0.17
C VAL A 236 18.14 6.60 0.04
N VAL A 237 19.11 5.69 -0.10
CA VAL A 237 20.53 6.03 0.12
C VAL A 237 21.06 6.99 -0.91
N GLU A 238 20.82 6.65 -2.18
CA GLU A 238 21.15 7.51 -3.31
C GLU A 238 20.53 8.91 -3.27
N ASP A 239 19.21 8.98 -3.08
CA ASP A 239 18.52 10.29 -3.02
C ASP A 239 19.11 11.17 -1.94
N TYR A 240 19.27 10.61 -0.73
CA TYR A 240 19.71 11.41 0.39
C TYR A 240 21.17 11.84 0.27
N THR A 241 22.02 10.97 -0.27
CA THR A 241 23.43 11.31 -0.47
C THR A 241 23.50 12.53 -1.36
N VAL A 242 22.74 12.48 -2.46
CA VAL A 242 22.66 13.60 -3.44
C VAL A 242 22.16 14.86 -2.73
N LEU A 243 21.03 14.75 -2.04
CA LEU A 243 20.52 15.89 -1.25
C LEU A 243 21.61 16.55 -0.41
N ARG A 244 22.54 15.76 0.14
CA ARG A 244 23.64 16.27 0.97
C ARG A 244 24.89 16.77 0.22
N GLY A 245 24.85 16.85 -1.10
CA GLY A 245 25.98 17.32 -1.88
C GLY A 245 27.12 16.33 -2.07
N CYS A 246 26.83 15.04 -2.04
CA CYS A 246 27.84 13.98 -2.22
C CYS A 246 27.45 13.11 -3.38
N LYS A 247 28.43 12.47 -4.01
CA LYS A 247 28.18 11.60 -5.15
C LYS A 247 28.05 10.15 -4.63
N PRO A 248 26.91 9.49 -4.85
CA PRO A 248 26.82 8.08 -4.50
C PRO A 248 27.33 7.23 -5.64
N TYR A 249 27.98 6.11 -5.30
CA TYR A 249 28.42 5.10 -6.27
C TYR A 249 28.09 3.72 -5.81
N TYR A 250 27.43 2.97 -6.66
CA TYR A 250 27.30 1.52 -6.51
C TYR A 250 28.24 0.85 -7.47
N VAL A 251 28.52 -0.41 -7.22
CA VAL A 251 29.56 -1.10 -7.92
C VAL A 251 29.07 -2.47 -8.33
N GLU A 252 29.24 -2.84 -9.60
CA GLU A 252 28.88 -4.17 -10.07
C GLU A 252 29.74 -5.18 -9.30
N ASN A 253 29.05 -6.13 -8.69
CA ASN A 253 29.63 -7.11 -7.74
C ASN A 253 30.34 -6.50 -6.50
N GLY A 254 29.86 -5.35 -6.04
CA GLY A 254 30.41 -4.67 -4.87
C GLY A 254 30.43 -5.52 -3.62
N ALA A 255 29.40 -6.34 -3.45
CA ALA A 255 29.36 -7.32 -2.36
C ALA A 255 30.52 -8.36 -2.32
N PHE A 256 31.17 -8.58 -3.46
CA PHE A 256 32.30 -9.51 -3.55
C PHE A 256 33.68 -8.81 -3.38
N SER A 257 33.67 -7.52 -3.04
CA SER A 257 34.88 -6.75 -2.91
C SER A 257 35.88 -7.43 -2.00
N GLY A 258 35.40 -7.92 -0.88
CA GLY A 258 36.22 -8.66 0.09
C GLY A 258 36.79 -10.00 -0.41
N ALA A 259 36.01 -10.74 -1.15
CA ALA A 259 36.46 -12.01 -1.72
C ALA A 259 37.52 -11.76 -2.74
N ILE A 260 37.36 -10.72 -3.56
CA ILE A 260 38.35 -10.33 -4.61
C ILE A 260 39.63 -9.84 -3.99
N GLY A 261 39.50 -8.88 -3.09
CA GLY A 261 40.65 -8.36 -2.35
C GLY A 261 41.55 -9.43 -1.75
N ALA A 262 40.93 -10.43 -1.11
CA ALA A 262 41.67 -11.56 -0.50
C ALA A 262 42.55 -12.26 -1.55
N LEU A 263 42.03 -12.40 -2.77
CA LEU A 263 42.80 -12.93 -3.90
C LEU A 263 44.02 -12.13 -4.29
N TYR A 264 43.92 -10.82 -4.26
CA TYR A 264 44.97 -9.93 -4.79
C TYR A 264 45.79 -9.27 -3.69
N LEU A 265 45.96 -9.98 -2.57
CA LEU A 265 46.82 -9.56 -1.49
C LEU A 265 47.92 -10.61 -1.30
N GLU A 266 49.14 -10.12 -1.06
CA GLU A 266 50.26 -10.90 -0.54
C GLU A 266 50.45 -12.24 -1.32
N MET B 1 5.09 38.30 35.40
CA MET B 1 5.36 36.94 34.84
C MET B 1 5.87 36.98 33.41
N LYS B 2 7.02 36.35 33.19
CA LYS B 2 7.56 36.13 31.84
C LYS B 2 7.46 34.64 31.53
N VAL B 3 7.30 34.32 30.25
CA VAL B 3 7.04 32.93 29.83
C VAL B 3 7.83 32.55 28.60
N GLY B 4 8.45 31.39 28.65
CA GLY B 4 9.10 30.79 27.47
C GLY B 4 8.44 29.47 27.16
N ILE B 5 8.23 29.17 25.90
CA ILE B 5 7.60 27.93 25.47
C ILE B 5 8.37 27.32 24.33
N ASP B 6 8.70 26.03 24.47
CA ASP B 6 9.28 25.24 23.37
C ASP B 6 8.18 24.26 22.98
N ALA B 7 7.47 24.59 21.90
CA ALA B 7 6.39 23.75 21.42
C ALA B 7 6.91 22.77 20.39
N GLY B 8 7.25 21.57 20.84
CA GLY B 8 7.81 20.55 19.95
C GLY B 8 6.76 19.73 19.25
N GLY B 9 7.23 18.75 18.52
CA GLY B 9 6.35 17.81 17.86
C GLY B 9 5.56 16.93 18.83
N THR B 10 6.15 16.57 19.95
CA THR B 10 5.46 15.73 20.92
C THR B 10 5.12 16.45 22.23
N LEU B 11 6.06 17.20 22.79
CA LEU B 11 5.82 17.84 24.08
C LEU B 11 5.97 19.37 24.03
N ILE B 12 5.14 20.06 24.83
CA ILE B 12 5.18 21.52 24.93
C ILE B 12 5.80 21.84 26.27
N LYS B 13 6.96 22.49 26.24
CA LYS B 13 7.72 22.79 27.45
C LYS B 13 7.54 24.25 27.82
N ILE B 14 7.16 24.50 29.06
CA ILE B 14 6.78 25.82 29.49
C ILE B 14 7.64 26.17 30.66
N VAL B 15 8.27 27.33 30.60
CA VAL B 15 8.95 27.91 31.71
C VAL B 15 8.25 29.21 32.03
N GLN B 16 7.83 29.35 33.28
CA GLN B 16 7.33 30.62 33.82
C GLN B 16 8.35 31.20 34.80
N GLU B 17 8.69 32.47 34.61
CA GLU B 17 9.56 33.21 35.55
C GLU B 17 8.84 34.34 36.19
N GLN B 18 8.97 34.42 37.49
CA GLN B 18 8.23 35.38 38.30
C GLN B 18 9.16 35.72 39.45
N ASP B 19 9.97 36.77 39.24
CA ASP B 19 11.11 37.07 40.10
C ASP B 19 11.57 38.54 40.00
N ARG B 22 11.28 30.37 39.08
CA ARG B 22 11.13 29.51 37.91
C ARG B 22 10.21 28.29 38.08
N THR B 23 9.26 28.14 37.16
CA THR B 23 8.35 27.00 37.17
C THR B 23 8.62 26.21 35.90
N PHE B 24 8.69 24.90 36.01
CA PHE B 24 8.86 24.01 34.84
C PHE B 24 7.63 23.15 34.62
N LYS B 25 7.01 23.25 33.46
CA LYS B 25 5.76 22.52 33.21
C LYS B 25 5.78 21.88 31.83
N THR B 26 5.30 20.65 31.77
CA THR B 26 5.14 19.91 30.50
C THR B 26 3.65 19.69 30.18
N GLU B 27 3.33 19.81 28.91
CA GLU B 27 2.02 19.42 28.39
C GLU B 27 2.17 18.81 27.00
N LEU B 28 1.27 17.88 26.67
CA LEU B 28 1.32 17.17 25.40
C LEU B 28 1.00 18.12 24.25
N THR B 29 1.69 17.94 23.13
CA THR B 29 1.43 18.70 21.92
C THR B 29 0.01 18.39 21.43
N LYS B 30 -0.41 17.14 21.53
CA LYS B 30 -1.82 16.81 21.29
C LYS B 30 -2.82 17.76 22.03
N ASN B 31 -2.48 18.21 23.24
CA ASN B 31 -3.29 19.15 24.04
C ASN B 31 -2.84 20.63 23.93
N ILE B 32 -2.27 20.99 22.80
CA ILE B 32 -1.92 22.39 22.53
C ILE B 32 -3.09 23.38 22.77
N ASP B 33 -4.31 22.95 22.44
CA ASP B 33 -5.53 23.74 22.65
C ASP B 33 -5.63 24.25 24.07
N GLN B 34 -5.40 23.37 25.05
CA GLN B 34 -5.45 23.75 26.47
C GLN B 34 -4.31 24.70 26.90
N VAL B 35 -3.18 24.61 26.22
CA VAL B 35 -2.08 25.52 26.46
C VAL B 35 -2.43 26.92 25.99
N VAL B 36 -3.00 27.01 24.80
CA VAL B 36 -3.48 28.28 24.26
C VAL B 36 -4.53 28.94 25.17
N GLU B 37 -5.43 28.12 25.71
CA GLU B 37 -6.51 28.59 26.61
C GLU B 37 -5.94 29.15 27.91
N TRP B 38 -5.01 28.40 28.51
CA TRP B 38 -4.25 28.82 29.69
C TRP B 38 -3.57 30.16 29.49
N LEU B 39 -2.89 30.29 28.35
CA LEU B 39 -2.19 31.52 28.01
C LEU B 39 -3.11 32.72 27.90
N ASN B 40 -4.29 32.54 27.30
CA ASN B 40 -5.21 33.65 27.08
C ASN B 40 -5.84 34.23 28.34
N GLN B 41 -5.86 33.43 29.43
CA GLN B 41 -6.32 33.86 30.75
C GLN B 41 -5.26 34.67 31.55
N GLN B 42 -3.96 34.55 31.21
CA GLN B 42 -2.85 35.06 32.05
C GLN B 42 -2.44 36.50 31.79
N GLN B 43 -1.88 37.11 32.83
CA GLN B 43 -1.18 38.39 32.72
C GLN B 43 0.31 38.12 32.52
N ILE B 44 0.77 38.35 31.29
CA ILE B 44 2.13 37.99 30.87
C ILE B 44 2.89 39.23 30.41
N GLU B 45 4.00 39.51 31.09
CA GLU B 45 4.86 40.64 30.77
C GLU B 45 5.62 40.42 29.45
N LYS B 46 6.01 39.17 29.18
CA LYS B 46 6.79 38.84 27.99
C LYS B 46 6.56 37.37 27.65
N LEU B 47 6.27 37.09 26.38
CA LEU B 47 5.99 35.73 25.90
C LEU B 47 6.93 35.41 24.74
N CYS B 48 7.80 34.42 24.94
CA CYS B 48 8.75 34.02 23.90
C CYS B 48 8.45 32.59 23.49
N LEU B 49 8.55 32.35 22.20
CA LEU B 49 8.16 31.08 21.61
C LEU B 49 9.25 30.48 20.73
N THR B 50 9.32 29.16 20.73
CA THR B 50 10.21 28.45 19.86
C THR B 50 9.69 27.05 19.60
N GLY B 51 10.27 26.42 18.59
CA GLY B 51 9.89 25.06 18.18
C GLY B 51 8.87 25.07 17.05
N GLY B 52 8.59 23.88 16.53
CA GLY B 52 7.75 23.70 15.36
C GLY B 52 6.30 24.13 15.46
N ASN B 53 5.73 23.97 16.65
CA ASN B 53 4.37 24.37 16.92
C ASN B 53 4.25 25.73 17.57
N ALA B 54 5.32 26.50 17.59
CA ALA B 54 5.24 27.88 18.01
C ALA B 54 4.19 28.68 17.24
N GLY B 55 4.16 28.49 15.92
CA GLY B 55 3.22 29.18 15.04
C GLY B 55 1.76 28.89 15.33
N VAL B 56 1.45 27.64 15.61
CA VAL B 56 0.10 27.24 16.03
C VAL B 56 -0.35 27.98 17.29
N ILE B 57 0.56 28.14 18.23
CA ILE B 57 0.30 28.89 19.46
C ILE B 57 0.12 30.38 19.16
N ALA B 58 1.11 30.95 18.47
CA ALA B 58 1.14 32.37 18.14
C ALA B 58 -0.12 32.89 17.41
N GLU B 59 -0.67 32.08 16.52
CA GLU B 59 -1.86 32.44 15.73
C GLU B 59 -3.14 32.42 16.60
N ASN B 60 -3.27 31.42 17.49
CA ASN B 60 -4.44 31.26 18.35
C ASN B 60 -4.38 32.00 19.69
N ILE B 61 -3.38 32.84 19.91
CA ILE B 61 -3.33 33.66 21.14
C ILE B 61 -3.74 35.10 20.85
N ASN B 62 -4.20 35.73 21.91
CA ASN B 62 -4.82 37.01 21.86
C ASN B 62 -3.85 38.04 22.47
N ILE B 63 -2.52 37.75 22.54
CA ILE B 63 -1.37 38.71 22.86
C ILE B 63 -0.17 38.56 21.88
N PRO B 64 0.69 39.60 21.77
CA PRO B 64 1.93 39.43 20.98
C PRO B 64 2.93 38.41 21.55
N ALA B 65 3.87 37.95 20.70
CA ALA B 65 4.88 36.97 21.09
C ALA B 65 6.08 36.95 20.15
N GLN B 66 7.28 37.15 20.69
CA GLN B 66 8.51 36.93 19.94
C GLN B 66 8.72 35.42 19.69
N ILE B 67 9.22 35.12 18.50
CA ILE B 67 9.47 33.76 18.07
C ILE B 67 10.92 33.65 17.69
N PHE B 68 11.58 32.64 18.25
CA PHE B 68 12.99 32.40 18.01
C PHE B 68 13.18 31.05 17.35
N VAL B 69 14.29 30.91 16.63
CA VAL B 69 14.67 29.61 16.05
C VAL B 69 15.15 28.69 17.18
N GLU B 70 14.69 27.44 17.15
CA GLU B 70 14.91 26.51 18.22
C GLU B 70 16.37 26.13 18.49
N PHE B 71 17.19 26.13 17.46
CA PHE B 71 18.59 25.77 17.62
C PHE B 71 19.32 26.79 18.46
N ASP B 72 19.09 28.06 18.18
CA ASP B 72 19.73 29.11 18.97
C ASP B 72 19.14 29.19 20.36
N ALA B 73 17.86 28.91 20.49
CA ALA B 73 17.22 28.95 21.80
C ALA B 73 17.80 27.82 22.70
N ALA B 74 17.74 26.58 22.22
CA ALA B 74 18.32 25.43 22.92
C ALA B 74 19.77 25.68 23.36
N SER B 75 20.57 26.26 22.48
CA SER B 75 21.96 26.52 22.81
C SER B 75 22.07 27.48 23.96
N GLN B 76 21.23 28.50 23.97
CA GLN B 76 21.33 29.56 24.98
C GLN B 76 20.83 29.08 26.34
N GLY B 77 19.71 28.37 26.33
CA GLY B 77 19.14 27.82 27.54
C GLY B 77 20.07 26.79 28.17
N LEU B 78 20.76 26.03 27.33
CA LEU B 78 21.60 24.93 27.81
C LEU B 78 22.85 25.47 28.48
N GLY B 79 23.45 26.48 27.88
CA GLY B 79 24.55 27.22 28.54
C GLY B 79 24.17 27.86 29.86
N ILE B 80 22.92 28.33 29.97
CA ILE B 80 22.43 28.86 31.24
C ILE B 80 22.39 27.74 32.26
N LEU B 81 21.74 26.64 31.93
CA LEU B 81 21.67 25.47 32.83
C LEU B 81 23.04 24.84 33.15
N LEU B 82 23.96 24.81 32.19
CA LEU B 82 25.29 24.25 32.43
C LEU B 82 26.05 25.03 33.48
N LYS B 83 26.09 26.34 33.32
CA LYS B 83 26.63 27.25 34.29
C LYS B 83 25.96 27.11 35.68
N GLU B 84 24.63 27.09 35.72
CA GLU B 84 23.88 26.94 36.98
C GLU B 84 24.20 25.65 37.74
N GLN B 85 24.51 24.59 37.00
CA GLN B 85 24.83 23.28 37.55
C GLN B 85 26.31 22.95 37.60
N GLY B 86 27.16 23.98 37.56
CA GLY B 86 28.57 23.85 37.91
C GLY B 86 29.54 23.41 36.84
N HIS B 87 29.08 23.30 35.60
CA HIS B 87 29.91 22.85 34.49
C HIS B 87 30.47 24.10 33.80
N ASP B 88 31.79 24.18 33.65
CA ASP B 88 32.41 25.14 32.74
C ASP B 88 33.11 24.36 31.64
N LEU B 89 32.37 24.12 30.56
CA LEU B 89 32.87 23.40 29.41
C LEU B 89 33.28 24.41 28.35
N ALA B 90 34.55 24.40 28.00
CA ALA B 90 35.07 25.30 27.00
C ALA B 90 34.30 25.17 25.65
N ASP B 91 34.09 23.93 25.23
CA ASP B 91 33.34 23.57 24.01
C ASP B 91 32.60 22.25 24.22
N TYR B 92 31.75 21.86 23.27
CA TYR B 92 31.00 20.60 23.35
C TYR B 92 30.08 20.37 22.15
N ILE B 93 29.82 19.09 21.89
CA ILE B 93 28.68 18.65 21.09
C ILE B 93 27.45 18.64 22.01
N PHE B 94 26.30 19.07 21.50
CA PHE B 94 25.07 18.71 22.17
C PHE B 94 24.09 18.02 21.23
N ALA B 95 23.41 17.03 21.78
CA ALA B 95 22.55 16.15 21.02
C ALA B 95 21.20 16.34 21.63
N ASN B 96 20.35 17.07 20.91
CA ASN B 96 19.01 17.34 21.36
C ASN B 96 18.14 16.16 20.93
N VAL B 97 17.87 15.27 21.85
CA VAL B 97 17.14 14.02 21.54
C VAL B 97 15.66 14.16 21.86
N GLY B 98 14.92 14.63 20.84
CA GLY B 98 13.48 14.84 20.97
C GLY B 98 12.67 13.82 20.19
N THR B 99 11.62 14.28 19.53
CA THR B 99 10.86 13.39 18.62
C THR B 99 11.83 12.79 17.59
N GLY B 100 12.68 13.67 17.08
CA GLY B 100 13.87 13.33 16.38
C GLY B 100 15.08 13.96 17.04
N THR B 101 16.26 13.71 16.47
CA THR B 101 17.53 14.16 17.03
C THR B 101 18.28 15.15 16.12
N SER B 102 18.62 16.30 16.70
CA SER B 102 19.46 17.33 16.09
C SER B 102 20.79 17.45 16.86
N LEU B 103 21.92 17.48 16.15
CA LEU B 103 23.24 17.56 16.78
C LEU B 103 23.94 18.84 16.48
N HIS B 104 24.64 19.35 17.47
CA HIS B 104 25.17 20.71 17.44
C HIS B 104 26.57 20.74 17.96
N TYR B 105 27.40 21.64 17.43
CA TYR B 105 28.72 21.91 18.01
C TYR B 105 28.70 23.32 18.56
N PHE B 106 28.92 23.44 19.86
CA PHE B 106 29.06 24.72 20.52
C PHE B 106 30.56 24.98 20.76
N ASP B 107 31.09 26.05 20.17
CA ASP B 107 32.55 26.33 20.22
C ASP B 107 33.03 27.21 21.37
N GLY B 108 32.12 27.59 22.25
CA GLY B 108 32.43 28.45 23.39
C GLY B 108 31.69 29.77 23.31
N GLN B 109 31.38 30.23 22.10
CA GLN B 109 30.58 31.46 21.89
C GLN B 109 29.27 31.24 21.14
N SER B 110 29.25 30.34 20.16
CA SER B 110 27.99 30.05 19.48
C SER B 110 27.91 28.62 18.94
N GLN B 111 26.71 28.24 18.51
CA GLN B 111 26.43 26.88 18.05
C GLN B 111 26.25 26.79 16.56
N ARG B 112 26.48 25.59 16.06
CA ARG B 112 26.25 25.29 14.70
C ARG B 112 25.65 23.87 14.62
N ARG B 113 24.62 23.69 13.80
CA ARG B 113 24.10 22.37 13.56
C ARG B 113 25.10 21.60 12.69
N VAL B 114 25.55 20.46 13.18
CA VAL B 114 26.50 19.63 12.44
C VAL B 114 25.89 18.30 11.99
N GLY B 115 24.59 18.11 12.22
CA GLY B 115 23.90 16.91 11.75
C GLY B 115 22.56 16.68 12.40
N GLY B 116 21.89 15.65 11.94
CA GLY B 116 20.68 15.20 12.58
C GLY B 116 20.27 13.85 12.09
N ILE B 117 19.34 13.23 12.79
CA ILE B 117 18.88 11.89 12.44
C ILE B 117 17.48 11.72 13.00
N GLY B 118 16.68 10.91 12.35
CA GLY B 118 15.33 10.61 12.76
C GLY B 118 15.19 9.50 13.77
N THR B 119 16.31 9.03 14.37
CA THR B 119 16.26 8.09 15.49
C THR B 119 16.26 8.90 16.76
N GLY B 120 15.19 8.75 17.52
CA GLY B 120 14.95 9.59 18.67
C GLY B 120 13.73 9.07 19.37
N GLY B 121 13.07 9.95 20.11
CA GLY B 121 11.96 9.60 21.01
C GLY B 121 10.71 9.20 20.29
N GLY B 122 10.46 9.84 19.14
CA GLY B 122 9.35 9.48 18.29
C GLY B 122 9.46 8.06 17.76
N MET B 123 10.70 7.59 17.50
CA MET B 123 10.91 6.22 17.06
C MET B 123 10.74 5.24 18.20
N ILE B 124 11.11 5.64 19.41
CA ILE B 124 10.86 4.78 20.56
C ILE B 124 9.37 4.55 20.72
N GLN B 125 8.59 5.61 20.65
CA GLN B 125 7.16 5.50 20.80
C GLN B 125 6.50 4.73 19.66
N GLY B 126 6.88 5.09 18.45
CA GLY B 126 6.23 4.60 17.27
C GLY B 126 6.53 3.18 16.99
N LEU B 127 7.82 2.88 16.85
CA LEU B 127 8.23 1.50 16.67
C LEU B 127 7.87 0.69 17.90
N GLY B 128 7.96 1.33 19.07
CA GLY B 128 7.58 0.71 20.32
C GLY B 128 6.15 0.22 20.26
N TYR B 129 5.26 1.10 19.81
CA TYR B 129 3.87 0.76 19.56
C TYR B 129 3.76 -0.42 18.60
N LEU B 130 4.46 -0.39 17.48
CA LEU B 130 4.31 -1.45 16.51
C LEU B 130 4.75 -2.80 17.08
N LEU B 131 5.75 -2.80 17.95
CA LEU B 131 6.24 -4.07 18.49
C LEU B 131 5.56 -4.54 19.77
N SER B 132 4.67 -3.75 20.32
CA SER B 132 4.04 -4.08 21.62
C SER B 132 2.58 -3.66 21.83
N GLN B 133 2.06 -2.82 20.94
CA GLN B 133 0.74 -2.26 21.02
C GLN B 133 0.49 -1.39 22.26
N ILE B 134 1.55 -1.07 23.01
CA ILE B 134 1.50 -0.10 24.13
C ILE B 134 1.63 1.33 23.55
N THR B 135 0.66 2.17 23.88
CA THR B 135 0.64 3.56 23.46
C THR B 135 1.01 4.53 24.60
N ASP B 136 0.89 4.09 25.85
CA ASP B 136 1.17 4.93 26.99
C ASP B 136 2.71 4.97 27.15
N TYR B 137 3.27 6.20 27.17
CA TYR B 137 4.70 6.41 27.22
C TYR B 137 5.40 5.86 28.51
N LYS B 138 4.83 6.18 29.65
CA LYS B 138 5.35 5.73 30.94
C LYS B 138 5.41 4.18 30.98
N GLN B 139 4.30 3.57 30.61
CA GLN B 139 4.16 2.12 30.51
C GLN B 139 5.17 1.49 29.53
N LEU B 140 5.25 2.06 28.34
CA LEU B 140 6.20 1.64 27.29
C LEU B 140 7.65 1.64 27.74
N THR B 141 8.07 2.76 28.33
CA THR B 141 9.42 2.90 28.85
C THR B 141 9.66 2.04 30.09
N ASP B 142 8.69 1.92 31.00
CA ASP B 142 8.87 1.06 32.20
C ASP B 142 9.12 -0.37 31.77
N MET B 143 8.34 -0.82 30.80
CA MET B 143 8.35 -2.20 30.32
C MET B 143 9.70 -2.57 29.69
N ALA B 144 10.30 -1.60 29.03
CA ALA B 144 11.59 -1.75 28.37
C ALA B 144 12.77 -1.91 29.33
N GLN B 145 12.63 -1.39 30.54
CA GLN B 145 13.77 -1.25 31.46
C GLN B 145 14.56 -2.47 31.85
N HIS B 146 13.93 -3.64 32.02
CA HIS B 146 14.65 -4.87 32.42
C HIS B 146 14.57 -5.89 31.32
N GLY B 147 14.18 -5.42 30.12
CA GLY B 147 14.22 -6.23 28.90
C GLY B 147 15.62 -6.71 28.65
N ASP B 148 15.72 -7.84 27.99
CA ASP B 148 17.00 -8.49 27.63
C ASP B 148 17.18 -8.46 26.10
N ARG B 149 18.34 -8.06 25.65
CA ARG B 149 18.58 -7.83 24.23
C ARG B 149 19.35 -8.98 23.56
N ASN B 150 19.93 -9.87 24.36
CA ASN B 150 20.86 -10.91 23.88
C ASN B 150 20.37 -11.88 22.77
N THR B 151 19.08 -12.22 22.79
CA THR B 151 18.47 -13.03 21.72
C THR B 151 18.08 -12.20 20.51
N ILE B 152 18.05 -10.88 20.66
CA ILE B 152 17.69 -9.97 19.58
C ILE B 152 18.92 -9.37 18.82
N ASP B 153 19.90 -8.80 19.55
CA ASP B 153 21.04 -8.13 18.93
C ASP B 153 22.14 -9.10 18.68
N LEU B 154 22.90 -8.80 17.63
CA LEU B 154 24.11 -9.53 17.23
C LEU B 154 25.34 -8.67 17.50
N LYS B 155 26.34 -9.29 18.09
CA LYS B 155 27.54 -8.66 18.57
C LYS B 155 28.68 -9.04 17.66
N VAL B 156 29.74 -8.23 17.66
CA VAL B 156 30.92 -8.48 16.79
C VAL B 156 31.49 -9.90 17.02
N ARG B 157 31.48 -10.35 18.27
CA ARG B 157 31.99 -11.67 18.58
C ARG B 157 31.09 -12.82 18.08
N HIS B 158 29.81 -12.54 17.84
CA HIS B 158 28.91 -13.56 17.31
C HIS B 158 29.21 -13.88 15.84
N ILE B 159 29.76 -12.90 15.15
CA ILE B 159 30.09 -13.02 13.75
C ILE B 159 31.47 -13.56 13.58
N TYR B 160 32.36 -13.17 14.45
CA TYR B 160 33.74 -13.60 14.48
C TYR B 160 33.93 -14.74 15.46
N LYS B 161 33.01 -15.68 15.46
CA LYS B 161 33.02 -16.80 16.38
C LYS B 161 34.34 -17.53 16.37
N ASP B 162 34.99 -17.48 17.51
CA ASP B 162 36.32 -17.98 17.70
C ASP B 162 37.29 -17.59 16.59
N THR B 163 37.63 -16.31 16.60
CA THR B 163 38.55 -15.63 15.66
C THR B 163 38.80 -14.23 16.20
N GLU B 164 40.01 -13.69 16.11
CA GLU B 164 40.27 -12.40 16.71
C GLU B 164 39.49 -11.38 15.86
N PRO B 165 38.47 -10.71 16.44
CA PRO B 165 37.90 -9.62 15.65
C PRO B 165 38.84 -8.39 15.51
N PRO B 166 38.68 -7.61 14.45
CA PRO B 166 39.45 -6.39 14.25
C PRO B 166 38.85 -5.12 14.92
N ILE B 167 37.69 -5.26 15.56
CA ILE B 167 37.19 -4.22 16.46
C ILE B 167 36.67 -4.94 17.70
N PRO B 168 36.47 -4.18 18.81
CA PRO B 168 36.08 -4.90 20.03
C PRO B 168 34.84 -5.78 19.84
N GLY B 169 34.96 -7.05 20.23
CA GLY B 169 33.92 -8.08 20.09
C GLY B 169 32.63 -7.87 20.85
N ASP B 170 32.64 -7.04 21.90
CA ASP B 170 31.41 -6.75 22.61
C ASP B 170 30.52 -5.72 21.85
N LEU B 171 31.05 -5.04 20.82
CA LEU B 171 30.28 -4.06 20.10
C LEU B 171 29.06 -4.71 19.47
N THR B 172 27.95 -3.98 19.44
CA THR B 172 26.80 -4.41 18.66
C THR B 172 27.22 -4.35 17.20
N ALA B 173 27.04 -5.47 16.51
CA ALA B 173 27.32 -5.60 15.09
C ALA B 173 26.08 -5.37 14.26
N ALA B 174 24.95 -5.93 14.70
CA ALA B 174 23.71 -5.78 14.00
C ALA B 174 22.53 -5.79 14.99
N ASN B 175 21.88 -4.64 15.08
CA ASN B 175 20.68 -4.50 15.85
C ASN B 175 19.54 -5.35 15.24
N PHE B 176 18.89 -6.18 16.03
CA PHE B 176 17.91 -7.15 15.55
C PHE B 176 18.58 -8.25 14.69
N GLY B 177 19.92 -8.29 14.68
CA GLY B 177 20.60 -9.21 13.80
C GLY B 177 20.63 -10.65 14.30
N HIS B 178 20.24 -10.87 15.56
CA HIS B 178 20.16 -12.20 16.14
C HIS B 178 18.76 -12.81 16.02
N VAL B 179 17.76 -11.99 15.77
CA VAL B 179 16.38 -12.45 15.72
C VAL B 179 16.26 -13.72 14.92
N LEU B 180 16.83 -13.75 13.73
CA LEU B 180 16.72 -14.95 12.85
C LEU B 180 17.44 -16.22 13.32
N HIS B 181 18.34 -16.12 14.31
CA HIS B 181 18.95 -17.30 15.00
C HIS B 181 18.19 -17.79 16.24
N HIS B 182 17.07 -17.14 16.59
CA HIS B 182 16.26 -17.47 17.76
C HIS B 182 14.78 -17.51 17.41
N LEU B 183 14.43 -18.12 16.29
CA LEU B 183 13.02 -18.26 15.87
C LEU B 183 12.20 -19.26 16.69
N ASP B 184 12.87 -20.11 17.45
CA ASP B 184 12.21 -20.96 18.45
C ASP B 184 11.78 -20.17 19.68
N ALA B 185 12.40 -19.01 19.88
CA ALA B 185 12.26 -18.22 21.08
C ALA B 185 11.06 -17.28 20.93
N ASP B 186 10.39 -17.08 22.05
CA ASP B 186 9.30 -16.15 22.30
C ASP B 186 9.92 -14.75 22.28
N PHE B 187 9.69 -13.83 21.34
CA PHE B 187 10.17 -12.46 21.58
C PHE B 187 9.17 -11.67 22.41
N THR B 188 9.54 -11.39 23.66
CA THR B 188 8.65 -10.74 24.63
C THR B 188 8.68 -9.27 24.37
N PRO B 189 7.59 -8.55 24.67
CA PRO B 189 7.59 -7.06 24.52
C PRO B 189 8.73 -6.30 25.25
N SER B 190 9.18 -6.79 26.39
CA SER B 190 10.30 -6.15 27.09
C SER B 190 11.60 -6.25 26.32
N ASN B 191 11.94 -7.45 25.90
CA ASN B 191 13.12 -7.68 25.08
C ASN B 191 13.12 -6.85 23.81
N LYS B 192 11.98 -6.79 23.17
CA LYS B 192 11.82 -6.08 21.94
C LYS B 192 11.93 -4.59 22.20
N LEU B 193 11.19 -4.09 23.18
CA LEU B 193 11.34 -2.68 23.56
C LEU B 193 12.75 -2.27 24.03
N ALA B 194 13.44 -3.16 24.72
CA ALA B 194 14.82 -2.87 25.13
C ALA B 194 15.76 -2.74 23.93
N ALA B 195 15.47 -3.51 22.86
CA ALA B 195 16.19 -3.46 21.59
C ALA B 195 15.90 -2.20 20.70
N VAL B 196 14.68 -1.71 20.73
CA VAL B 196 14.32 -0.40 20.11
C VAL B 196 15.14 0.74 20.70
N ILE B 197 15.14 0.80 22.01
CA ILE B 197 15.88 1.82 22.74
C ILE B 197 17.38 1.65 22.55
N GLY B 198 17.82 0.41 22.62
CA GLY B 198 19.17 0.01 22.28
C GLY B 198 19.64 0.60 20.98
N VAL B 199 18.91 0.34 19.88
CA VAL B 199 19.27 0.89 18.55
C VAL B 199 19.24 2.44 18.50
N VAL B 200 18.18 3.03 19.06
CA VAL B 200 18.06 4.52 19.10
C VAL B 200 19.24 5.14 19.86
N GLY B 201 19.53 4.56 21.02
CA GLY B 201 20.70 4.96 21.86
C GLY B 201 22.05 4.84 21.19
N GLU B 202 22.30 3.73 20.52
CA GLU B 202 23.54 3.55 19.80
C GLU B 202 23.67 4.41 18.54
N VAL B 203 22.56 4.75 17.88
CA VAL B 203 22.65 5.59 16.67
C VAL B 203 22.94 7.02 17.09
N VAL B 204 22.20 7.51 18.05
CA VAL B 204 22.41 8.88 18.54
C VAL B 204 23.87 9.05 18.98
N THR B 205 24.34 8.12 19.83
CA THR B 205 25.71 8.16 20.39
C THR B 205 26.77 8.09 19.33
N THR B 206 26.63 7.15 18.42
CA THR B 206 27.55 7.02 17.29
C THR B 206 27.68 8.31 16.51
N MET B 207 26.53 8.92 16.22
CA MET B 207 26.52 10.19 15.54
C MET B 207 27.20 11.26 16.36
N ALA B 208 26.91 11.28 17.66
CA ALA B 208 27.48 12.29 18.55
C ALA B 208 28.99 12.17 18.77
N ILE B 209 29.49 10.95 18.97
CA ILE B 209 30.91 10.76 19.10
C ILE B 209 31.63 11.03 17.80
N THR B 210 30.97 10.79 16.68
CA THR B 210 31.60 11.02 15.36
C THR B 210 31.84 12.52 15.14
N VAL B 211 30.81 13.33 15.41
CA VAL B 211 30.97 14.79 15.26
C VAL B 211 31.83 15.40 16.39
N ALA B 212 31.87 14.75 17.55
CA ALA B 212 32.80 15.15 18.61
C ALA B 212 34.22 15.06 18.14
N ARG B 213 34.58 13.95 17.53
CA ARG B 213 35.89 13.75 16.92
C ARG B 213 36.17 14.78 15.82
N GLU B 214 35.26 14.92 14.88
CA GLU B 214 35.36 15.87 13.79
C GLU B 214 35.69 17.31 14.27
N PHE B 215 35.00 17.77 15.31
CA PHE B 215 35.16 19.15 15.82
C PHE B 215 36.09 19.23 17.05
N LYS B 216 36.82 18.15 17.25
CA LYS B 216 37.94 18.03 18.19
C LYS B 216 37.57 18.44 19.59
N THR B 217 36.41 17.95 20.05
CA THR B 217 35.95 18.11 21.45
C THR B 217 35.72 16.73 22.03
N GLU B 218 35.94 16.58 23.34
CA GLU B 218 35.66 15.33 24.03
C GLU B 218 34.35 15.42 24.84
N ASN B 219 33.70 16.60 24.84
CA ASN B 219 32.49 16.80 25.62
C ASN B 219 31.22 16.62 24.80
N ILE B 220 30.33 15.76 25.29
CA ILE B 220 29.04 15.55 24.65
C ILE B 220 27.94 15.73 25.69
N VAL B 221 27.07 16.70 25.44
CA VAL B 221 25.94 16.98 26.30
C VAL B 221 24.65 16.47 25.66
N TYR B 222 24.00 15.53 26.35
CA TYR B 222 22.73 14.93 25.92
C TYR B 222 21.53 15.60 26.56
N ILE B 223 20.58 16.06 25.74
CA ILE B 223 19.35 16.68 26.28
C ILE B 223 18.16 16.14 25.54
N GLY B 224 16.97 16.60 25.93
CA GLY B 224 15.69 16.26 25.29
C GLY B 224 14.86 15.41 26.24
N SER B 225 13.54 15.40 26.05
CA SER B 225 12.66 14.65 26.93
C SER B 225 12.77 13.14 26.74
N SER B 226 13.39 12.68 25.65
CA SER B 226 13.57 11.23 25.40
C SER B 226 14.27 10.48 26.53
N PHE B 227 14.92 11.22 27.42
CA PHE B 227 15.58 10.63 28.55
C PHE B 227 14.69 10.44 29.80
N HIS B 228 13.61 11.22 29.91
CA HIS B 228 12.69 11.14 31.06
C HIS B 228 12.02 9.77 31.19
N ASN B 229 12.07 9.19 32.37
CA ASN B 229 11.59 7.82 32.65
C ASN B 229 12.21 6.75 31.76
N ASN B 230 13.45 6.95 31.33
CA ASN B 230 14.14 5.95 30.54
C ASN B 230 15.61 5.83 30.89
N ALA B 231 15.86 5.21 32.04
CA ALA B 231 17.20 4.98 32.56
C ALA B 231 18.02 4.12 31.63
N LEU B 232 17.36 3.17 30.97
CA LEU B 232 18.01 2.34 30.00
C LEU B 232 18.58 3.17 28.84
N LEU B 233 17.84 4.13 28.33
CA LEU B 233 18.35 4.99 27.26
C LEU B 233 19.56 5.83 27.73
N ARG B 234 19.56 6.34 28.95
CA ARG B 234 20.76 6.99 29.50
C ARG B 234 21.95 6.07 29.60
N LYS B 235 21.73 4.86 30.07
CA LYS B 235 22.83 3.94 30.31
C LYS B 235 23.56 3.51 29.01
N VAL B 236 22.76 3.17 27.99
CA VAL B 236 23.23 2.79 26.68
C VAL B 236 24.07 3.93 26.08
N VAL B 237 23.53 5.15 26.14
CA VAL B 237 24.20 6.34 25.62
C VAL B 237 25.45 6.68 26.40
N GLU B 238 25.31 6.73 27.72
CA GLU B 238 26.41 6.94 28.63
C GLU B 238 27.55 5.92 28.49
N ASP B 239 27.22 4.63 28.55
CA ASP B 239 28.23 3.57 28.47
C ASP B 239 29.03 3.66 27.20
N TYR B 240 28.33 3.80 26.07
CA TYR B 240 29.00 3.85 24.76
C TYR B 240 29.81 5.12 24.55
N THR B 241 29.31 6.28 25.02
CA THR B 241 30.08 7.53 24.94
C THR B 241 31.42 7.36 25.65
N VAL B 242 31.39 6.85 26.87
CA VAL B 242 32.59 6.56 27.68
C VAL B 242 33.52 5.55 26.95
N LEU B 243 32.98 4.43 26.53
CA LEU B 243 33.75 3.50 25.67
C LEU B 243 34.52 4.24 24.56
N ARG B 244 33.92 5.27 23.96
CA ARG B 244 34.54 6.02 22.84
C ARG B 244 35.48 7.16 23.26
N GLY B 245 35.78 7.27 24.55
CA GLY B 245 36.69 8.30 25.03
C GLY B 245 36.12 9.69 25.14
N CYS B 246 34.80 9.81 25.29
CA CYS B 246 34.12 11.10 25.45
C CYS B 246 33.42 11.15 26.78
N LYS B 247 33.22 12.35 27.31
CA LYS B 247 32.51 12.56 28.56
C LYS B 247 31.06 12.79 28.22
N PRO B 248 30.16 11.94 28.70
CA PRO B 248 28.75 12.29 28.62
C PRO B 248 28.30 13.23 29.74
N TYR B 249 27.36 14.13 29.42
CA TYR B 249 26.70 15.01 30.42
C TYR B 249 25.21 15.01 30.21
N TYR B 250 24.46 14.77 31.29
CA TYR B 250 23.02 15.09 31.37
C TYR B 250 22.84 16.36 32.18
N VAL B 251 21.68 16.99 32.05
CA VAL B 251 21.47 18.30 32.61
C VAL B 251 20.12 18.27 33.27
N GLU B 252 20.04 18.74 34.51
CA GLU B 252 18.74 18.93 35.17
C GLU B 252 17.90 19.92 34.34
N ASN B 253 16.69 19.48 33.98
CA ASN B 253 15.77 20.21 33.12
C ASN B 253 16.31 20.51 31.73
N GLY B 254 17.20 19.65 31.23
CA GLY B 254 17.79 19.79 29.91
C GLY B 254 16.76 19.87 28.80
N ALA B 255 15.65 19.15 28.96
CA ALA B 255 14.53 19.23 28.04
C ALA B 255 13.87 20.63 27.92
N PHE B 256 14.06 21.50 28.91
CA PHE B 256 13.52 22.86 28.89
C PHE B 256 14.51 23.89 28.35
N SER B 257 15.64 23.42 27.82
CA SER B 257 16.71 24.31 27.37
C SER B 257 16.19 25.33 26.36
N GLY B 258 15.38 24.85 25.43
CA GLY B 258 14.75 25.70 24.45
C GLY B 258 13.75 26.71 25.00
N ALA B 259 12.95 26.32 25.98
CA ALA B 259 11.98 27.22 26.60
C ALA B 259 12.72 28.32 27.31
N ILE B 260 13.81 27.96 28.02
CA ILE B 260 14.62 28.92 28.80
C ILE B 260 15.33 29.88 27.88
N GLY B 261 16.01 29.33 26.89
CA GLY B 261 16.68 30.13 25.86
C GLY B 261 15.80 31.19 25.22
N ALA B 262 14.56 30.83 24.85
CA ALA B 262 13.59 31.77 24.29
C ALA B 262 13.38 32.99 25.21
N LEU B 263 13.33 32.74 26.52
CA LEU B 263 13.24 33.81 27.53
C LEU B 263 14.39 34.77 27.56
N TYR B 264 15.61 34.27 27.39
CA TYR B 264 16.83 35.06 27.56
C TYR B 264 17.48 35.46 26.25
N LEU B 265 16.64 35.66 25.23
CA LEU B 265 17.07 36.19 23.93
C LEU B 265 16.30 37.48 23.60
N MET C 1 -32.61 -33.42 16.93
CA MET C 1 -31.83 -32.52 16.03
C MET C 1 -32.45 -32.37 14.65
N LYS C 2 -32.71 -31.12 14.25
CA LYS C 2 -33.15 -30.81 12.90
C LYS C 2 -32.01 -30.08 12.20
N VAL C 3 -31.91 -30.24 10.89
CA VAL C 3 -30.77 -29.71 10.11
C VAL C 3 -31.18 -29.06 8.79
N GLY C 4 -30.65 -27.88 8.52
CA GLY C 4 -30.81 -27.21 7.23
C GLY C 4 -29.46 -27.00 6.61
N ILE C 5 -29.35 -27.21 5.31
CA ILE C 5 -28.11 -27.06 4.60
C ILE C 5 -28.33 -26.26 3.32
N ASP C 6 -27.52 -25.23 3.11
CA ASP C 6 -27.45 -24.49 1.83
C ASP C 6 -26.09 -24.86 1.20
N ALA C 7 -26.13 -25.80 0.29
CA ALA C 7 -24.91 -26.26 -0.37
C ALA C 7 -24.66 -25.43 -1.65
N GLY C 8 -23.86 -24.39 -1.55
CA GLY C 8 -23.60 -23.50 -2.65
C GLY C 8 -22.46 -23.96 -3.54
N GLY C 9 -22.11 -23.11 -4.50
CA GLY C 9 -20.97 -23.37 -5.37
C GLY C 9 -19.61 -23.34 -4.68
N THR C 10 -19.47 -22.47 -3.68
CA THR C 10 -18.23 -22.38 -2.91
C THR C 10 -18.33 -22.87 -1.46
N LEU C 11 -19.38 -22.47 -0.74
CA LEU C 11 -19.49 -22.85 0.69
C LEU C 11 -20.75 -23.66 0.97
N ILE C 12 -20.62 -24.59 1.92
CA ILE C 12 -21.76 -25.36 2.43
C ILE C 12 -22.11 -24.78 3.79
N LYS C 13 -23.32 -24.26 3.93
CA LYS C 13 -23.78 -23.63 5.16
C LYS C 13 -24.73 -24.57 5.91
N ILE C 14 -24.45 -24.81 7.17
CA ILE C 14 -25.16 -25.80 7.91
C ILE C 14 -25.71 -25.14 9.13
N VAL C 15 -27.00 -25.32 9.36
CA VAL C 15 -27.64 -24.95 10.62
C VAL C 15 -28.15 -26.21 11.26
N GLN C 16 -27.77 -26.42 12.53
CA GLN C 16 -28.35 -27.48 13.35
C GLN C 16 -29.22 -26.83 14.44
N GLU C 17 -30.46 -27.32 14.58
CA GLU C 17 -31.34 -26.91 15.66
C GLU C 17 -31.66 -28.06 16.60
N GLN C 18 -31.55 -27.78 17.89
CA GLN C 18 -31.71 -28.77 18.93
C GLN C 18 -32.30 -28.12 20.15
N ASP C 19 -33.61 -28.25 20.32
CA ASP C 19 -34.28 -27.71 21.50
C ASP C 19 -34.15 -26.17 21.53
N ASN C 20 -34.35 -25.53 20.37
CA ASN C 20 -34.13 -24.07 20.21
C ASN C 20 -32.70 -23.51 20.47
N GLN C 21 -31.68 -24.38 20.51
CA GLN C 21 -30.25 -23.97 20.47
C GLN C 21 -29.84 -24.19 19.02
N ARG C 22 -29.26 -23.15 18.43
CA ARG C 22 -28.93 -23.13 17.00
C ARG C 22 -27.42 -23.18 16.87
N THR C 23 -26.93 -24.01 15.96
CA THR C 23 -25.50 -24.06 15.66
C THR C 23 -25.27 -23.59 14.22
N PHE C 24 -24.28 -22.75 14.01
CA PHE C 24 -23.96 -22.28 12.67
C PHE C 24 -22.60 -22.81 12.24
N LYS C 25 -22.56 -23.52 11.12
CA LYS C 25 -21.35 -24.16 10.65
C LYS C 25 -21.11 -23.93 9.20
N THR C 26 -19.86 -23.61 8.84
CA THR C 26 -19.42 -23.51 7.44
C THR C 26 -18.39 -24.60 7.07
N GLU C 27 -18.52 -25.12 5.86
CA GLU C 27 -17.57 -26.04 5.29
C GLU C 27 -17.44 -25.76 3.80
N LEU C 28 -16.25 -25.98 3.27
CA LEU C 28 -16.01 -25.79 1.85
C LEU C 28 -16.78 -26.80 0.98
N THR C 29 -17.27 -26.33 -0.18
CA THR C 29 -17.92 -27.21 -1.16
C THR C 29 -16.95 -28.24 -1.68
N LYS C 30 -15.70 -27.82 -1.89
CA LYS C 30 -14.62 -28.76 -2.14
C LYS C 30 -14.65 -30.01 -1.23
N ASN C 31 -14.99 -29.80 0.04
CA ASN C 31 -15.05 -30.88 1.06
C ASN C 31 -16.44 -31.44 1.33
N ILE C 32 -17.30 -31.38 0.32
CA ILE C 32 -18.65 -31.93 0.42
C ILE C 32 -18.66 -33.41 0.90
N ASP C 33 -17.66 -34.19 0.48
CA ASP C 33 -17.50 -35.60 0.93
C ASP C 33 -17.53 -35.73 2.45
N GLN C 34 -16.80 -34.87 3.15
CA GLN C 34 -16.76 -34.90 4.62
C GLN C 34 -18.08 -34.45 5.28
N VAL C 35 -18.84 -33.59 4.60
CA VAL C 35 -20.17 -33.20 5.06
C VAL C 35 -21.14 -34.39 4.98
N VAL C 36 -21.10 -35.11 3.86
CA VAL C 36 -21.91 -36.31 3.69
C VAL C 36 -21.60 -37.38 4.76
N GLU C 37 -20.32 -37.55 5.07
CA GLU C 37 -19.86 -38.52 6.06
C GLU C 37 -20.36 -38.15 7.46
N TRP C 38 -20.21 -36.87 7.81
CA TRP C 38 -20.74 -36.30 9.07
C TRP C 38 -22.23 -36.55 9.23
N LEU C 39 -22.98 -36.30 8.16
CA LEU C 39 -24.42 -36.51 8.16
C LEU C 39 -24.78 -37.96 8.41
N ASN C 40 -24.05 -38.88 7.79
CA ASN C 40 -24.42 -40.30 7.89
C ASN C 40 -24.21 -40.89 9.29
N GLN C 41 -23.38 -40.25 10.13
CA GLN C 41 -23.14 -40.65 11.53
C GLN C 41 -24.19 -40.08 12.51
N GLN C 42 -24.97 -39.06 12.10
CA GLN C 42 -25.91 -38.35 13.02
C GLN C 42 -27.32 -38.91 13.13
N GLN C 43 -27.92 -38.65 14.29
CA GLN C 43 -29.34 -38.89 14.55
C GLN C 43 -30.08 -37.58 14.20
N ILE C 44 -30.77 -37.54 13.05
CA ILE C 44 -31.43 -36.35 12.52
C ILE C 44 -32.95 -36.53 12.39
N GLU C 45 -33.71 -35.70 13.09
CA GLU C 45 -35.18 -35.73 13.06
C GLU C 45 -35.72 -35.24 11.71
N LYS C 46 -35.05 -34.27 11.12
CA LYS C 46 -35.49 -33.67 9.88
C LYS C 46 -34.30 -33.07 9.18
N LEU C 47 -34.17 -33.33 7.89
CA LEU C 47 -33.08 -32.81 7.07
C LEU C 47 -33.66 -32.06 5.87
N CYS C 48 -33.37 -30.77 5.77
CA CYS C 48 -33.81 -29.95 4.65
C CYS C 48 -32.60 -29.40 3.87
N LEU C 49 -32.74 -29.36 2.55
CA LEU C 49 -31.63 -29.06 1.66
C LEU C 49 -32.01 -27.97 0.69
N THR C 50 -31.01 -27.19 0.33
CA THR C 50 -31.15 -26.22 -0.72
C THR C 50 -29.80 -25.88 -1.33
N GLY C 51 -29.85 -25.21 -2.49
CA GLY C 51 -28.65 -24.78 -3.22
C GLY C 51 -28.27 -25.79 -4.27
N GLY C 52 -27.30 -25.41 -5.09
CA GLY C 52 -26.92 -26.19 -6.27
C GLY C 52 -26.36 -27.57 -6.03
N ASN C 53 -25.65 -27.72 -4.92
CA ASN C 53 -25.07 -29.00 -4.54
C ASN C 53 -25.93 -29.80 -3.57
N ALA C 54 -27.17 -29.39 -3.36
CA ALA C 54 -28.10 -30.17 -2.56
C ALA C 54 -28.22 -31.60 -3.10
N GLY C 55 -28.32 -31.73 -4.42
CA GLY C 55 -28.49 -33.03 -5.05
C GLY C 55 -27.34 -33.99 -4.79
N VAL C 56 -26.12 -33.46 -4.83
CA VAL C 56 -24.90 -34.25 -4.53
C VAL C 56 -24.95 -34.84 -3.13
N ILE C 57 -25.45 -34.03 -2.19
CA ILE C 57 -25.63 -34.48 -0.80
C ILE C 57 -26.73 -35.52 -0.72
N ALA C 58 -27.91 -35.18 -1.24
CA ALA C 58 -29.10 -36.03 -1.17
C ALA C 58 -28.89 -37.47 -1.72
N GLU C 59 -28.10 -37.59 -2.80
CA GLU C 59 -27.83 -38.89 -3.43
C GLU C 59 -26.91 -39.75 -2.58
N ASN C 60 -25.88 -39.12 -1.98
CA ASN C 60 -24.86 -39.83 -1.16
C ASN C 60 -25.21 -40.02 0.34
N ILE C 61 -26.43 -39.66 0.77
CA ILE C 61 -26.84 -39.86 2.17
C ILE C 61 -27.84 -41.02 2.30
N ASN C 62 -27.90 -41.55 3.52
CA ASN C 62 -28.65 -42.76 3.85
C ASN C 62 -30.02 -42.47 4.41
N ILE C 63 -30.37 -41.21 4.50
CA ILE C 63 -31.67 -40.81 5.05
C ILE C 63 -32.43 -39.92 4.06
N PRO C 64 -33.78 -39.88 4.17
CA PRO C 64 -34.52 -38.94 3.34
C PRO C 64 -34.22 -37.48 3.61
N ALA C 65 -34.58 -36.63 2.65
CA ALA C 65 -34.33 -35.19 2.75
C ALA C 65 -35.24 -34.39 1.80
N GLN C 66 -36.00 -33.46 2.36
CA GLN C 66 -36.70 -32.46 1.57
C GLN C 66 -35.72 -31.45 0.94
N ILE C 67 -36.02 -31.06 -0.30
CA ILE C 67 -35.19 -30.16 -1.09
C ILE C 67 -36.05 -29.00 -1.53
N PHE C 68 -35.55 -27.81 -1.29
CA PHE C 68 -36.27 -26.61 -1.57
C PHE C 68 -35.45 -25.79 -2.55
N VAL C 69 -36.13 -24.94 -3.31
CA VAL C 69 -35.48 -23.98 -4.22
C VAL C 69 -34.83 -22.86 -3.36
N GLU C 70 -33.59 -22.51 -3.70
CA GLU C 70 -32.78 -21.62 -2.88
C GLU C 70 -33.30 -20.21 -2.76
N PHE C 71 -34.04 -19.74 -3.76
CA PHE C 71 -34.58 -18.37 -3.73
C PHE C 71 -35.66 -18.25 -2.66
N ASP C 72 -36.53 -19.23 -2.60
CA ASP C 72 -37.56 -19.22 -1.58
C ASP C 72 -36.98 -19.49 -0.18
N ALA C 73 -35.96 -20.34 -0.09
CA ALA C 73 -35.36 -20.67 1.19
C ALA C 73 -34.66 -19.43 1.78
N ALA C 74 -33.78 -18.82 1.00
CA ALA C 74 -33.11 -17.56 1.39
C ALA C 74 -34.12 -16.48 1.87
N SER C 75 -35.20 -16.30 1.14
CA SER C 75 -36.18 -15.26 1.49
C SER C 75 -36.74 -15.58 2.86
N GLN C 76 -37.03 -16.85 3.12
CA GLN C 76 -37.72 -17.22 4.37
C GLN C 76 -36.79 -17.12 5.58
N GLY C 77 -35.55 -17.59 5.41
CA GLY C 77 -34.54 -17.51 6.44
C GLY C 77 -34.17 -16.10 6.78
N LEU C 78 -34.17 -15.24 5.77
CA LEU C 78 -33.79 -13.84 5.93
C LEU C 78 -34.85 -13.06 6.70
N GLY C 79 -36.12 -13.28 6.36
CA GLY C 79 -37.22 -12.75 7.15
C GLY C 79 -37.24 -13.22 8.60
N ILE C 80 -36.81 -14.47 8.86
CA ILE C 80 -36.67 -14.97 10.23
C ILE C 80 -35.57 -14.20 10.96
N LEU C 81 -34.38 -14.10 10.38
CA LEU C 81 -33.31 -13.29 10.92
C LEU C 81 -33.61 -11.77 11.04
N LEU C 82 -34.35 -11.19 10.09
CA LEU C 82 -34.71 -9.76 10.14
C LEU C 82 -35.58 -9.43 11.34
N LYS C 83 -36.62 -10.23 11.52
CA LYS C 83 -37.47 -10.18 12.73
C LYS C 83 -36.68 -10.33 14.04
N GLU C 84 -35.88 -11.40 14.12
CA GLU C 84 -35.07 -11.69 15.32
C GLU C 84 -34.16 -10.52 15.70
N GLN C 85 -33.68 -9.79 14.71
CA GLN C 85 -32.73 -8.66 14.91
C GLN C 85 -33.37 -7.28 14.85
N GLY C 86 -34.69 -7.22 15.03
CA GLY C 86 -35.38 -5.95 15.26
C GLY C 86 -35.74 -5.08 14.07
N HIS C 87 -35.65 -5.64 12.86
CA HIS C 87 -36.07 -4.96 11.63
C HIS C 87 -37.47 -5.42 11.22
N ASP C 88 -38.41 -4.48 11.08
CA ASP C 88 -39.70 -4.76 10.45
C ASP C 88 -39.76 -3.90 9.21
N LEU C 89 -39.29 -4.48 8.10
CA LEU C 89 -39.26 -3.80 6.82
C LEU C 89 -40.45 -4.24 6.04
N ALA C 90 -41.29 -3.28 5.70
CA ALA C 90 -42.51 -3.58 4.96
C ALA C 90 -42.20 -4.35 3.65
N ASP C 91 -41.19 -3.84 2.92
CA ASP C 91 -40.69 -4.43 1.67
C ASP C 91 -39.18 -4.19 1.56
N TYR C 92 -38.55 -4.78 0.57
CA TYR C 92 -37.12 -4.65 0.36
C TYR C 92 -36.58 -5.45 -0.83
N ILE C 93 -35.50 -4.92 -1.41
CA ILE C 93 -34.64 -5.70 -2.27
C ILE C 93 -33.70 -6.50 -1.36
N PHE C 94 -33.41 -7.75 -1.73
CA PHE C 94 -32.24 -8.39 -1.16
C PHE C 94 -31.28 -8.87 -2.26
N ALA C 95 -30.00 -8.71 -1.96
CA ALA C 95 -28.97 -9.03 -2.90
C ALA C 95 -28.19 -10.14 -2.24
N ASN C 96 -28.36 -11.36 -2.74
CA ASN C 96 -27.63 -12.51 -2.21
C ASN C 96 -26.27 -12.59 -2.90
N VAL C 97 -25.21 -12.13 -2.22
CA VAL C 97 -23.88 -12.00 -2.82
C VAL C 97 -23.01 -13.20 -2.49
N GLY C 98 -23.09 -14.20 -3.34
CA GLY C 98 -22.37 -15.44 -3.17
C GLY C 98 -21.25 -15.60 -4.16
N THR C 99 -21.07 -16.83 -4.64
CA THR C 99 -20.12 -17.05 -5.73
C THR C 99 -20.49 -16.09 -6.91
N GLY C 100 -21.78 -16.02 -7.22
CA GLY C 100 -22.37 -14.99 -8.01
C GLY C 100 -23.46 -14.29 -7.21
N THR C 101 -24.07 -13.29 -7.82
CA THR C 101 -25.09 -12.49 -7.19
C THR C 101 -26.48 -12.66 -7.84
N SER C 102 -27.47 -12.97 -7.01
CA SER C 102 -28.88 -12.99 -7.36
C SER C 102 -29.66 -11.89 -6.59
N LEU C 103 -30.52 -11.15 -7.27
CA LEU C 103 -31.25 -10.05 -6.67
C LEU C 103 -32.74 -10.30 -6.65
N HIS C 104 -33.37 -9.90 -5.56
CA HIS C 104 -34.73 -10.29 -5.25
C HIS C 104 -35.51 -9.14 -4.73
N TYR C 105 -36.79 -9.10 -5.04
CA TYR C 105 -37.72 -8.14 -4.45
C TYR C 105 -38.68 -8.90 -3.57
N PHE C 106 -38.65 -8.60 -2.27
CA PHE C 106 -39.60 -9.10 -1.31
C PHE C 106 -40.67 -8.01 -1.07
N ASP C 107 -41.94 -8.32 -1.39
CA ASP C 107 -43.05 -7.32 -1.29
C ASP C 107 -43.78 -7.26 0.06
N GLY C 108 -43.33 -8.05 1.04
CA GLY C 108 -43.96 -8.13 2.37
C GLY C 108 -44.51 -9.53 2.64
N GLN C 109 -44.88 -10.25 1.57
CA GLN C 109 -45.37 -11.64 1.68
C GLN C 109 -44.51 -12.65 0.97
N SER C 110 -44.02 -12.31 -0.21
CA SER C 110 -43.18 -13.24 -0.92
C SER C 110 -42.18 -12.53 -1.81
N GLN C 111 -41.24 -13.32 -2.32
CA GLN C 111 -40.12 -12.83 -3.12
C GLN C 111 -40.21 -13.17 -4.56
N ARG C 112 -39.51 -12.38 -5.34
CA ARG C 112 -39.43 -12.63 -6.76
C ARG C 112 -37.98 -12.24 -7.22
N ARG C 113 -37.34 -13.09 -8.02
CA ARG C 113 -36.03 -12.75 -8.59
C ARG C 113 -36.19 -11.66 -9.66
N VAL C 114 -35.52 -10.55 -9.47
CA VAL C 114 -35.65 -9.42 -10.41
C VAL C 114 -34.35 -9.17 -11.15
N GLY C 115 -33.36 -10.02 -10.95
CA GLY C 115 -32.11 -9.90 -11.66
C GLY C 115 -30.96 -10.69 -11.07
N GLY C 116 -29.82 -10.65 -11.76
CA GLY C 116 -28.63 -11.28 -11.24
C GLY C 116 -27.47 -10.83 -12.04
N ILE C 117 -26.29 -11.10 -11.52
CA ILE C 117 -25.07 -10.75 -12.21
C ILE C 117 -23.98 -11.66 -11.71
N GLY C 118 -23.00 -11.92 -12.57
CA GLY C 118 -21.84 -12.77 -12.22
C GLY C 118 -20.69 -12.05 -11.51
N THR C 119 -20.89 -10.82 -11.06
CA THR C 119 -19.96 -10.12 -10.19
C THR C 119 -20.35 -10.41 -8.76
N GLY C 120 -19.44 -11.08 -8.05
CA GLY C 120 -19.71 -11.55 -6.71
C GLY C 120 -18.43 -12.06 -6.10
N GLY C 121 -18.56 -13.01 -5.18
CA GLY C 121 -17.44 -13.53 -4.42
C GLY C 121 -16.50 -14.36 -5.25
N GLY C 122 -17.06 -15.12 -6.19
CA GLY C 122 -16.26 -15.97 -7.07
C GLY C 122 -15.35 -15.15 -7.94
N MET C 123 -15.80 -13.96 -8.31
CA MET C 123 -14.95 -13.03 -9.07
C MET C 123 -13.87 -12.46 -8.19
N ILE C 124 -14.17 -12.22 -6.91
CA ILE C 124 -13.16 -11.67 -6.03
C ILE C 124 -12.02 -12.66 -5.87
N GLN C 125 -12.39 -13.91 -5.65
CA GLN C 125 -11.41 -14.97 -5.57
C GLN C 125 -10.65 -15.19 -6.87
N GLY C 126 -11.39 -15.30 -7.96
CA GLY C 126 -10.82 -15.76 -9.22
C GLY C 126 -9.95 -14.71 -9.87
N LEU C 127 -10.52 -13.52 -10.08
CA LEU C 127 -9.77 -12.41 -10.62
C LEU C 127 -8.71 -12.02 -9.62
N GLY C 128 -9.04 -12.12 -8.32
CA GLY C 128 -8.07 -11.87 -7.25
C GLY C 128 -6.85 -12.74 -7.42
N TYR C 129 -7.07 -14.04 -7.64
CA TYR C 129 -5.99 -14.96 -7.96
C TYR C 129 -5.19 -14.54 -9.18
N LEU C 130 -5.84 -14.20 -10.27
CA LEU C 130 -5.10 -13.81 -11.46
C LEU C 130 -4.23 -12.58 -11.22
N LEU C 131 -4.69 -11.63 -10.42
CA LEU C 131 -3.94 -10.40 -10.21
C LEU C 131 -2.89 -10.47 -9.10
N SER C 132 -2.86 -11.59 -8.36
CA SER C 132 -1.98 -11.68 -7.17
C SER C 132 -1.35 -13.03 -6.86
N GLN C 133 -1.85 -14.08 -7.51
CA GLN C 133 -1.47 -15.47 -7.27
C GLN C 133 -1.79 -15.99 -5.84
N ILE C 134 -2.58 -15.21 -5.08
CA ILE C 134 -3.03 -15.64 -3.77
C ILE C 134 -4.30 -16.49 -3.97
N THR C 135 -4.29 -17.70 -3.42
CA THR C 135 -5.43 -18.58 -3.44
C THR C 135 -6.18 -18.66 -2.09
N ASP C 136 -5.52 -18.30 -0.98
CA ASP C 136 -6.13 -18.39 0.34
C ASP C 136 -7.04 -17.20 0.50
N TYR C 137 -8.29 -17.49 0.83
CA TYR C 137 -9.32 -16.45 0.89
C TYR C 137 -9.09 -15.37 1.97
N LYS C 138 -8.74 -15.83 3.18
CA LYS C 138 -8.47 -14.95 4.31
C LYS C 138 -7.33 -13.97 3.97
N GLN C 139 -6.26 -14.56 3.48
CA GLN C 139 -5.10 -13.84 3.03
C GLN C 139 -5.43 -12.83 1.92
N LEU C 140 -6.14 -13.29 0.88
CA LEU C 140 -6.59 -12.46 -0.22
C LEU C 140 -7.36 -11.25 0.24
N THR C 141 -8.36 -11.48 1.09
CA THR C 141 -9.21 -10.40 1.61
C THR C 141 -8.51 -9.50 2.61
N ASP C 142 -7.65 -10.06 3.47
CA ASP C 142 -6.84 -9.21 4.39
C ASP C 142 -5.97 -8.22 3.62
N MET C 143 -5.33 -8.73 2.57
CA MET C 143 -4.40 -7.97 1.75
C MET C 143 -5.09 -6.80 1.04
N ALA C 144 -6.31 -7.01 0.59
CA ALA C 144 -7.09 -6.01 -0.07
C ALA C 144 -7.50 -4.84 0.80
N GLN C 145 -7.59 -5.07 2.09
CA GLN C 145 -8.24 -4.12 3.00
C GLN C 145 -7.73 -2.69 3.07
N HIS C 146 -6.44 -2.48 2.98
CA HIS C 146 -5.88 -1.14 3.10
C HIS C 146 -5.27 -0.73 1.76
N GLY C 147 -5.60 -1.50 0.71
CA GLY C 147 -5.23 -1.21 -0.66
C GLY C 147 -5.80 0.13 -1.06
N ASP C 148 -5.13 0.78 -2.00
CA ASP C 148 -5.46 2.12 -2.45
C ASP C 148 -5.87 2.01 -3.92
N ARG C 149 -6.99 2.64 -4.26
CA ARG C 149 -7.57 2.50 -5.56
C ARG C 149 -7.32 3.71 -6.47
N ASN C 150 -6.86 4.81 -5.90
CA ASN C 150 -6.68 6.08 -6.62
C ASN C 150 -5.84 6.07 -7.92
N THR C 151 -4.80 5.25 -7.99
CA THR C 151 -4.00 5.13 -9.22
C THR C 151 -4.65 4.19 -10.21
N ILE C 152 -5.64 3.42 -9.76
CA ILE C 152 -6.26 2.40 -10.59
C ILE C 152 -7.59 2.90 -11.16
N ASP C 153 -8.47 3.44 -10.32
CA ASP C 153 -9.82 3.85 -10.76
C ASP C 153 -9.82 5.28 -11.22
N LEU C 154 -10.70 5.58 -12.17
CA LEU C 154 -10.92 6.90 -12.70
C LEU C 154 -12.26 7.39 -12.21
N LYS C 155 -12.27 8.65 -11.78
CA LYS C 155 -13.43 9.30 -11.16
C LYS C 155 -14.00 10.30 -12.14
N VAL C 156 -15.27 10.64 -11.95
CA VAL C 156 -15.91 11.65 -12.81
C VAL C 156 -15.12 12.97 -12.90
N ARG C 157 -14.54 13.40 -11.78
CA ARG C 157 -13.78 14.66 -11.77
C ARG C 157 -12.44 14.57 -12.51
N HIS C 158 -11.90 13.36 -12.66
CA HIS C 158 -10.68 13.16 -13.48
C HIS C 158 -10.90 13.40 -14.98
N ILE C 159 -12.16 13.34 -15.41
CA ILE C 159 -12.55 13.50 -16.80
C ILE C 159 -13.07 14.85 -17.12
N TYR C 160 -13.77 15.43 -16.18
CA TYR C 160 -14.26 16.75 -16.37
C TYR C 160 -13.23 17.78 -15.99
N LYS C 161 -12.11 17.28 -15.50
CA LYS C 161 -11.00 18.08 -15.08
C LYS C 161 -11.46 19.24 -14.24
N ASP C 162 -11.53 20.40 -14.83
CA ASP C 162 -11.91 21.57 -14.10
C ASP C 162 -13.36 21.62 -13.86
N THR C 163 -14.05 21.50 -14.95
CA THR C 163 -15.49 21.57 -15.08
C THR C 163 -16.36 20.95 -14.01
N GLU C 164 -17.44 21.64 -13.65
CA GLU C 164 -18.37 21.06 -12.73
C GLU C 164 -19.03 19.96 -13.58
N PRO C 165 -19.04 18.73 -13.12
CA PRO C 165 -19.64 17.66 -13.89
C PRO C 165 -21.12 17.65 -13.81
N PRO C 166 -21.76 16.95 -14.73
CA PRO C 166 -23.23 16.82 -14.65
C PRO C 166 -23.71 15.66 -13.75
N ILE C 167 -22.77 14.93 -13.17
CA ILE C 167 -23.07 14.03 -12.05
C ILE C 167 -21.96 14.21 -11.02
N PRO C 168 -22.20 13.79 -9.76
CA PRO C 168 -21.19 14.06 -8.73
C PRO C 168 -19.80 13.57 -9.15
N GLY C 169 -18.81 14.47 -9.04
CA GLY C 169 -17.42 14.24 -9.42
C GLY C 169 -16.62 13.21 -8.66
N ASP C 170 -17.07 12.86 -7.46
CA ASP C 170 -16.42 11.79 -6.72
C ASP C 170 -16.81 10.37 -7.25
N LEU C 171 -17.83 10.27 -8.10
CA LEU C 171 -18.28 8.96 -8.55
C LEU C 171 -17.17 8.29 -9.32
N THR C 172 -17.06 6.97 -9.18
CA THR C 172 -16.21 6.19 -10.08
C THR C 172 -16.80 6.29 -11.48
N ALA C 173 -15.97 6.75 -12.41
CA ALA C 173 -16.31 6.85 -13.85
C ALA C 173 -15.89 5.62 -14.59
N ALA C 174 -14.72 5.08 -14.27
CA ALA C 174 -14.19 3.91 -14.96
C ALA C 174 -13.27 3.09 -14.07
N ASN C 175 -13.74 1.90 -13.74
CA ASN C 175 -12.97 0.98 -12.92
C ASN C 175 -11.75 0.52 -13.72
N PHE C 176 -10.55 0.64 -13.16
CA PHE C 176 -9.30 0.35 -13.85
C PHE C 176 -9.04 1.40 -14.95
N GLY C 177 -9.80 2.48 -14.94
CA GLY C 177 -9.68 3.47 -15.98
C GLY C 177 -8.49 4.38 -15.85
N HIS C 178 -7.85 4.37 -14.69
CA HIS C 178 -6.67 5.21 -14.44
C HIS C 178 -5.36 4.46 -14.67
N VAL C 179 -5.42 3.12 -14.71
CA VAL C 179 -4.25 2.31 -14.88
C VAL C 179 -3.36 2.86 -15.99
N LEU C 180 -3.92 3.16 -17.16
CA LEU C 180 -3.08 3.65 -18.29
C LEU C 180 -2.44 5.05 -18.10
N HIS C 181 -2.88 5.83 -17.11
CA HIS C 181 -2.21 7.09 -16.75
C HIS C 181 -1.11 6.97 -15.68
N HIS C 182 -0.88 5.75 -15.20
CA HIS C 182 0.07 5.49 -14.12
C HIS C 182 0.92 4.27 -14.47
N LEU C 183 1.38 4.18 -15.70
CA LEU C 183 2.26 3.08 -16.13
C LEU C 183 3.69 3.13 -15.55
N ASP C 184 3.83 4.23 -14.81
CA ASP C 184 4.98 4.75 -14.08
C ASP C 184 4.73 4.62 -12.60
N ALA C 185 4.10 3.52 -12.24
CA ALA C 185 3.75 3.22 -10.90
C ALA C 185 3.61 1.75 -10.72
N ASP C 186 3.92 1.28 -9.51
CA ASP C 186 3.75 -0.09 -9.16
C ASP C 186 2.34 -0.22 -8.73
N PHE C 187 1.75 -1.26 -9.28
CA PHE C 187 0.40 -1.66 -8.99
C PHE C 187 0.61 -2.86 -8.11
N THR C 188 0.45 -2.64 -6.82
CA THR C 188 0.64 -3.65 -5.79
C THR C 188 -0.58 -4.49 -5.61
N PRO C 189 -0.39 -5.74 -5.24
CA PRO C 189 -1.53 -6.64 -5.03
C PRO C 189 -2.56 -6.06 -4.14
N SER C 190 -2.18 -5.21 -3.22
CA SER C 190 -3.22 -4.60 -2.38
C SER C 190 -4.09 -3.63 -3.16
N ASN C 191 -3.45 -2.73 -3.89
CA ASN C 191 -4.17 -1.77 -4.74
C ASN C 191 -5.05 -2.47 -5.76
N LYS C 192 -4.51 -3.52 -6.35
CA LYS C 192 -5.20 -4.26 -7.37
C LYS C 192 -6.35 -5.02 -6.78
N LEU C 193 -6.11 -5.73 -5.68
CA LEU C 193 -7.20 -6.42 -4.98
C LEU C 193 -8.28 -5.47 -4.44
N ALA C 194 -7.90 -4.30 -3.98
CA ALA C 194 -8.89 -3.32 -3.53
C ALA C 194 -9.81 -2.86 -4.66
N ALA C 195 -9.27 -2.81 -5.88
CA ALA C 195 -9.99 -2.41 -7.12
C ALA C 195 -10.90 -3.50 -7.70
N VAL C 196 -10.51 -4.75 -7.53
CA VAL C 196 -11.40 -5.89 -7.79
C VAL C 196 -12.66 -5.81 -6.94
N ILE C 197 -12.49 -5.71 -5.64
CA ILE C 197 -13.57 -5.62 -4.70
C ILE C 197 -14.38 -4.36 -4.98
N GLY C 198 -13.66 -3.25 -5.21
CA GLY C 198 -14.25 -1.99 -5.62
C GLY C 198 -15.25 -2.18 -6.74
N VAL C 199 -14.82 -2.79 -7.86
CA VAL C 199 -15.73 -2.99 -9.01
C VAL C 199 -16.90 -3.96 -8.69
N VAL C 200 -16.61 -5.05 -8.00
CA VAL C 200 -17.65 -5.99 -7.60
C VAL C 200 -18.70 -5.30 -6.73
N GLY C 201 -18.22 -4.54 -5.75
CA GLY C 201 -19.08 -3.78 -4.84
C GLY C 201 -19.96 -2.81 -5.58
N GLU C 202 -19.38 -2.06 -6.50
CA GLU C 202 -20.13 -1.02 -7.22
C GLU C 202 -21.13 -1.60 -8.22
N VAL C 203 -20.83 -2.78 -8.76
CA VAL C 203 -21.76 -3.40 -9.71
C VAL C 203 -22.97 -3.94 -8.95
N VAL C 204 -22.71 -4.66 -7.87
CA VAL C 204 -23.80 -5.23 -7.07
C VAL C 204 -24.74 -4.13 -6.60
N THR C 205 -24.16 -3.10 -6.00
CA THR C 205 -24.91 -1.96 -5.47
C THR C 205 -25.70 -1.24 -6.55
N THR C 206 -25.06 -0.90 -7.67
CA THR C 206 -25.75 -0.25 -8.81
C THR C 206 -26.97 -1.06 -9.27
N MET C 207 -26.79 -2.37 -9.42
CA MET C 207 -27.88 -3.25 -9.76
C MET C 207 -28.96 -3.22 -8.71
N ALA C 208 -28.56 -3.25 -7.44
CA ALA C 208 -29.51 -3.26 -6.31
C ALA C 208 -30.31 -1.97 -6.17
N ILE C 209 -29.63 -0.82 -6.29
CA ILE C 209 -30.34 0.46 -6.22
C ILE C 209 -31.25 0.65 -7.43
N THR C 210 -30.88 0.09 -8.56
CA THR C 210 -31.69 0.22 -9.80
C THR C 210 -33.00 -0.53 -9.68
N VAL C 211 -32.95 -1.78 -9.20
CA VAL C 211 -34.17 -2.54 -8.94
C VAL C 211 -34.95 -2.05 -7.72
N ALA C 212 -34.27 -1.44 -6.76
CA ALA C 212 -34.96 -0.79 -5.64
C ALA C 212 -35.88 0.29 -6.17
N ARG C 213 -35.36 1.13 -7.05
CA ARG C 213 -36.14 2.20 -7.65
C ARG C 213 -37.31 1.60 -8.45
N GLU C 214 -37.02 0.62 -9.29
CA GLU C 214 -38.02 -0.02 -10.15
C GLU C 214 -39.21 -0.56 -9.36
N PHE C 215 -38.95 -1.23 -8.24
CA PHE C 215 -40.02 -1.83 -7.39
C PHE C 215 -40.41 -0.94 -6.20
N LYS C 216 -40.01 0.32 -6.29
CA LYS C 216 -40.46 1.39 -5.44
C LYS C 216 -40.30 1.05 -3.95
N THR C 217 -39.11 0.52 -3.60
CA THR C 217 -38.65 0.35 -2.19
C THR C 217 -37.33 1.09 -1.98
N GLU C 218 -37.09 1.54 -0.76
CA GLU C 218 -35.83 2.19 -0.40
C GLU C 218 -34.92 1.27 0.41
N ASN C 219 -35.42 0.08 0.70
CA ASN C 219 -34.68 -0.85 1.54
C ASN C 219 -33.93 -1.91 0.76
N ILE C 220 -32.64 -2.03 1.04
CA ILE C 220 -31.80 -3.00 0.39
C ILE C 220 -31.07 -3.79 1.45
N VAL C 221 -31.31 -5.09 1.46
CA VAL C 221 -30.67 -6.01 2.39
C VAL C 221 -29.61 -6.84 1.67
N TYR C 222 -28.37 -6.68 2.12
CA TYR C 222 -27.24 -7.40 1.57
C TYR C 222 -26.91 -8.64 2.39
N ILE C 223 -26.85 -9.80 1.73
CA ILE C 223 -26.45 -11.03 2.39
C ILE C 223 -25.44 -11.81 1.54
N GLY C 224 -24.99 -12.95 2.05
CA GLY C 224 -24.05 -13.87 1.38
C GLY C 224 -22.72 -13.88 2.12
N SER C 225 -21.95 -14.95 1.97
CA SER C 225 -20.64 -15.04 2.60
C SER C 225 -19.59 -14.06 2.06
N SER C 226 -19.81 -13.48 0.88
CA SER C 226 -18.85 -12.56 0.27
C SER C 226 -18.46 -11.42 1.20
N PHE C 227 -19.26 -11.18 2.24
CA PHE C 227 -19.00 -10.09 3.16
C PHE C 227 -18.11 -10.48 4.33
N HIS C 228 -18.04 -11.77 4.65
CA HIS C 228 -17.22 -12.24 5.73
C HIS C 228 -15.70 -11.95 5.51
N ASN C 229 -15.05 -11.37 6.52
CA ASN C 229 -13.64 -10.95 6.45
C ASN C 229 -13.35 -9.95 5.32
N ASN C 230 -14.37 -9.17 4.94
CA ASN C 230 -14.19 -8.17 3.91
C ASN C 230 -14.94 -6.90 4.20
N ALA C 231 -14.40 -6.16 5.14
CA ALA C 231 -14.94 -4.89 5.58
C ALA C 231 -14.98 -3.93 4.42
N LEU C 232 -13.96 -4.01 3.57
CA LEU C 232 -13.88 -3.12 2.38
C LEU C 232 -15.06 -3.31 1.45
N LEU C 233 -15.44 -4.55 1.22
CA LEU C 233 -16.65 -4.80 0.44
C LEU C 233 -17.96 -4.24 1.08
N ARG C 234 -18.13 -4.36 2.41
CA ARG C 234 -19.26 -3.72 3.06
C ARG C 234 -19.24 -2.24 2.87
N LYS C 235 -18.08 -1.63 3.03
CA LYS C 235 -18.00 -0.17 3.06
C LYS C 235 -18.38 0.45 1.70
N VAL C 236 -17.81 -0.14 0.63
CA VAL C 236 -18.03 0.32 -0.75
C VAL C 236 -19.55 0.19 -1.03
N VAL C 237 -20.14 -0.96 -0.64
CA VAL C 237 -21.58 -1.23 -0.84
C VAL C 237 -22.48 -0.32 0.00
N GLU C 238 -22.17 -0.24 1.30
CA GLU C 238 -22.82 0.67 2.26
C GLU C 238 -22.78 2.12 1.83
N ASP C 239 -21.57 2.62 1.56
CA ASP C 239 -21.39 4.05 1.20
C ASP C 239 -22.19 4.41 -0.05
N TYR C 240 -22.08 3.58 -1.09
CA TYR C 240 -22.76 3.88 -2.35
C TYR C 240 -24.29 3.75 -2.28
N THR C 241 -24.79 2.76 -1.53
CA THR C 241 -26.23 2.61 -1.33
C THR C 241 -26.79 3.90 -0.70
N VAL C 242 -26.12 4.36 0.36
CA VAL C 242 -26.49 5.61 1.06
C VAL C 242 -26.43 6.81 0.08
N LEU C 243 -25.31 7.00 -0.61
CA LEU C 243 -25.23 8.03 -1.66
C LEU C 243 -26.46 8.04 -2.59
N ARG C 244 -27.00 6.86 -2.92
CA ARG C 244 -28.18 6.74 -3.79
C ARG C 244 -29.56 6.89 -3.12
N GLY C 245 -29.59 7.27 -1.84
CA GLY C 245 -30.85 7.44 -1.14
C GLY C 245 -31.56 6.18 -0.68
N CYS C 246 -30.81 5.11 -0.46
CA CYS C 246 -31.37 3.82 0.00
C CYS C 246 -30.74 3.43 1.30
N LYS C 247 -31.44 2.63 2.09
CA LYS C 247 -30.94 2.17 3.37
C LYS C 247 -30.27 0.81 3.15
N PRO C 248 -28.97 0.67 3.44
CA PRO C 248 -28.37 -0.66 3.44
C PRO C 248 -28.58 -1.37 4.76
N TYR C 249 -28.75 -2.70 4.69
CA TYR C 249 -28.86 -3.55 5.87
C TYR C 249 -28.03 -4.78 5.73
N TYR C 250 -27.19 -5.05 6.71
CA TYR C 250 -26.55 -6.36 6.86
C TYR C 250 -27.23 -7.12 7.97
N VAL C 251 -26.98 -8.41 8.02
CA VAL C 251 -27.74 -9.26 8.90
C VAL C 251 -26.79 -10.21 9.56
N GLU C 252 -26.87 -10.34 10.89
CA GLU C 252 -26.09 -11.32 11.61
C GLU C 252 -26.49 -12.70 11.08
N ASN C 253 -25.48 -13.46 10.66
CA ASN C 253 -25.63 -14.78 10.00
C ASN C 253 -26.47 -14.75 8.71
N GLY C 254 -26.42 -13.62 8.00
CA GLY C 254 -27.11 -13.46 6.72
C GLY C 254 -26.76 -14.54 5.72
N ALA C 255 -25.51 -14.97 5.70
CA ALA C 255 -25.06 -16.05 4.82
C ALA C 255 -25.75 -17.40 5.07
N PHE C 256 -26.33 -17.60 6.25
CA PHE C 256 -27.07 -18.84 6.57
C PHE C 256 -28.58 -18.74 6.30
N SER C 257 -29.03 -17.65 5.68
CA SER C 257 -30.43 -17.42 5.44
C SER C 257 -31.08 -18.60 4.73
N GLY C 258 -30.40 -19.10 3.72
CA GLY C 258 -30.85 -20.27 2.97
C GLY C 258 -30.92 -21.58 3.76
N ALA C 259 -29.94 -21.81 4.63
CA ALA C 259 -29.94 -23.01 5.46
C ALA C 259 -31.07 -22.97 6.45
N ILE C 260 -31.33 -21.77 7.02
CA ILE C 260 -32.43 -21.55 7.99
C ILE C 260 -33.76 -21.72 7.32
N GLY C 261 -33.96 -21.00 6.23
CA GLY C 261 -35.19 -21.08 5.46
C GLY C 261 -35.61 -22.50 5.15
N ALA C 262 -34.65 -23.32 4.73
CA ALA C 262 -34.91 -24.75 4.40
C ALA C 262 -35.53 -25.46 5.60
N LEU C 263 -35.05 -25.14 6.80
CA LEU C 263 -35.61 -25.67 8.05
C LEU C 263 -37.05 -25.30 8.32
N TYR C 264 -37.43 -24.08 8.00
CA TYR C 264 -38.75 -23.53 8.35
C TYR C 264 -39.71 -23.48 7.17
N LEU C 265 -39.56 -24.43 6.24
CA LEU C 265 -40.47 -24.60 5.13
C LEU C 265 -41.10 -26.01 5.24
N GLU C 266 -42.40 -26.08 4.91
CA GLU C 266 -43.11 -27.32 4.50
C GLU C 266 -42.72 -28.66 5.14
N MET D 1 -17.21 25.80 -43.08
CA MET D 1 -16.98 24.60 -42.20
C MET D 1 -17.56 24.79 -40.79
N LYS D 2 -18.41 23.86 -40.38
CA LYS D 2 -18.91 23.79 -39.01
C LYS D 2 -18.30 22.55 -38.35
N VAL D 3 -18.10 22.61 -37.03
CA VAL D 3 -17.37 21.57 -36.31
C VAL D 3 -18.01 21.23 -34.97
N GLY D 4 -18.17 19.93 -34.72
CA GLY D 4 -18.62 19.44 -33.42
C GLY D 4 -17.54 18.56 -32.83
N ILE D 5 -17.30 18.67 -31.54
CA ILE D 5 -16.26 17.87 -30.85
C ILE D 5 -16.80 17.30 -29.55
N ASP D 6 -16.63 15.99 -29.38
CA ASP D 6 -16.94 15.30 -28.12
C ASP D 6 -15.59 14.91 -27.54
N ALA D 7 -15.10 15.74 -26.62
CA ALA D 7 -13.81 15.49 -26.00
C ALA D 7 -13.97 14.64 -24.74
N GLY D 8 -13.84 13.33 -24.88
CA GLY D 8 -14.06 12.41 -23.76
C GLY D 8 -12.81 12.20 -22.92
N GLY D 9 -12.92 11.28 -21.97
CA GLY D 9 -11.81 10.92 -21.13
C GLY D 9 -10.69 10.20 -21.89
N THR D 10 -11.04 9.40 -22.89
CA THR D 10 -10.04 8.66 -23.67
C THR D 10 -9.93 9.16 -25.11
N LEU D 11 -11.05 9.37 -25.80
CA LEU D 11 -11.00 9.76 -27.22
C LEU D 11 -11.69 11.11 -27.50
N ILE D 12 -11.13 11.84 -28.46
CA ILE D 12 -11.69 13.11 -28.91
C ILE D 12 -12.33 12.84 -30.27
N LYS D 13 -13.64 13.01 -30.35
CA LYS D 13 -14.39 12.72 -31.57
C LYS D 13 -14.72 14.03 -32.27
N ILE D 14 -14.40 14.09 -33.55
CA ILE D 14 -14.52 15.32 -34.29
C ILE D 14 -15.39 15.04 -35.48
N VAL D 15 -16.39 15.88 -35.66
CA VAL D 15 -17.19 15.90 -36.87
C VAL D 15 -17.00 17.26 -37.51
N GLN D 16 -16.61 17.25 -38.78
CA GLN D 16 -16.57 18.45 -39.62
C GLN D 16 -17.67 18.37 -40.68
N GLU D 17 -18.47 19.44 -40.79
CA GLU D 17 -19.47 19.56 -41.84
C GLU D 17 -19.14 20.69 -42.80
N ARG D 22 -19.85 15.53 -44.57
CA ARG D 22 -19.46 15.12 -43.23
C ARG D 22 -18.14 14.34 -43.14
N THR D 23 -17.27 14.76 -42.24
CA THR D 23 -16.01 14.05 -41.99
C THR D 23 -16.04 13.54 -40.56
N PHE D 24 -15.61 12.29 -40.36
CA PHE D 24 -15.52 11.71 -39.01
C PHE D 24 -14.07 11.43 -38.65
N LYS D 25 -13.60 12.02 -37.55
CA LYS D 25 -12.19 11.87 -37.17
C LYS D 25 -12.06 11.60 -35.69
N THR D 26 -11.16 10.67 -35.36
CA THR D 26 -10.80 10.37 -33.97
C THR D 26 -9.35 10.79 -33.65
N GLU D 27 -9.16 11.30 -32.45
CA GLU D 27 -7.83 11.57 -31.91
C GLU D 27 -7.82 11.27 -30.42
N LEU D 28 -6.66 10.85 -29.92
CA LEU D 28 -6.52 10.50 -28.51
C LEU D 28 -6.63 11.76 -27.64
N THR D 29 -7.27 11.60 -26.47
CA THR D 29 -7.34 12.67 -25.47
C THR D 29 -5.95 13.02 -24.99
N LYS D 30 -5.09 12.01 -24.80
CA LYS D 30 -3.66 12.27 -24.56
C LYS D 30 -3.05 13.33 -25.52
N ASN D 31 -3.56 13.40 -26.74
CA ASN D 31 -3.09 14.36 -27.72
C ASN D 31 -4.06 15.51 -27.90
N ILE D 32 -4.63 16.03 -26.84
CA ILE D 32 -5.59 17.11 -26.99
C ILE D 32 -4.99 18.39 -27.52
N ASP D 33 -3.74 18.65 -27.16
CA ASP D 33 -3.12 19.89 -27.58
C ASP D 33 -2.84 20.04 -29.08
N GLN D 34 -2.77 18.94 -29.80
CA GLN D 34 -2.60 18.97 -31.24
C GLN D 34 -3.99 19.33 -31.76
N VAL D 35 -4.97 18.71 -31.19
CA VAL D 35 -6.34 19.05 -31.61
C VAL D 35 -6.53 20.55 -31.51
N VAL D 36 -6.10 21.12 -30.39
CA VAL D 36 -6.16 22.58 -30.20
C VAL D 36 -5.39 23.33 -31.28
N GLU D 37 -4.24 22.79 -31.65
CA GLU D 37 -3.41 23.37 -32.68
C GLU D 37 -4.11 23.41 -34.01
N TRP D 38 -4.71 22.29 -34.37
CA TRP D 38 -5.44 22.13 -35.60
C TRP D 38 -6.63 23.06 -35.64
N LEU D 39 -7.23 23.34 -34.50
CA LEU D 39 -8.39 24.20 -34.47
C LEU D 39 -8.03 25.66 -34.64
N ASN D 40 -6.79 26.00 -34.33
CA ASN D 40 -6.30 27.34 -34.49
C ASN D 40 -5.54 27.37 -35.81
N GLN D 41 -6.26 27.10 -36.89
CA GLN D 41 -5.77 26.97 -38.22
C GLN D 41 -6.96 26.79 -39.18
N GLN D 42 -8.19 27.10 -38.76
CA GLN D 42 -9.37 26.79 -39.57
C GLN D 42 -10.47 27.82 -39.86
N GLN D 43 -11.05 27.77 -41.07
CA GLN D 43 -12.13 28.69 -41.33
C GLN D 43 -13.28 27.98 -40.62
N ILE D 44 -13.54 28.31 -39.36
CA ILE D 44 -14.64 27.67 -38.69
C ILE D 44 -15.82 28.56 -38.49
N GLU D 45 -16.85 28.28 -39.23
CA GLU D 45 -18.07 29.07 -39.16
C GLU D 45 -18.78 28.91 -37.81
N LYS D 46 -18.72 27.72 -37.22
CA LYS D 46 -19.38 27.42 -35.93
C LYS D 46 -18.63 26.27 -35.27
N LEU D 47 -18.32 26.42 -33.97
CA LEU D 47 -17.63 25.39 -33.21
C LEU D 47 -18.46 25.04 -31.97
N CYS D 48 -18.88 23.78 -31.88
CA CYS D 48 -19.66 23.31 -30.73
C CYS D 48 -18.89 22.21 -29.99
N LEU D 49 -18.97 22.24 -28.67
CA LEU D 49 -18.16 21.39 -27.82
C LEU D 49 -19.01 20.64 -26.82
N THR D 50 -18.57 19.43 -26.49
CA THR D 50 -19.18 18.67 -25.43
C THR D 50 -18.19 17.65 -24.88
N GLY D 51 -18.55 17.09 -23.73
CA GLY D 51 -17.71 16.12 -23.01
C GLY D 51 -16.81 16.77 -21.97
N GLY D 52 -16.16 15.93 -21.18
CA GLY D 52 -15.38 16.37 -20.03
C GLY D 52 -14.18 17.26 -20.29
N ASN D 53 -13.52 17.04 -21.42
CA ASN D 53 -12.39 17.84 -21.84
C ASN D 53 -12.75 19.00 -22.76
N ALA D 54 -14.04 19.29 -22.92
CA ALA D 54 -14.46 20.45 -23.70
C ALA D 54 -13.82 21.74 -23.19
N GLY D 55 -13.79 21.89 -21.86
CA GLY D 55 -13.22 23.07 -21.22
C GLY D 55 -11.76 23.29 -21.53
N VAL D 56 -10.97 22.20 -21.51
CA VAL D 56 -9.54 22.25 -21.84
C VAL D 56 -9.33 22.79 -23.26
N ILE D 57 -10.20 22.38 -24.19
CA ILE D 57 -10.17 22.86 -25.57
C ILE D 57 -10.57 24.32 -25.64
N ALA D 58 -11.74 24.64 -25.06
CA ALA D 58 -12.31 25.99 -25.09
C ALA D 58 -11.39 27.10 -24.53
N GLU D 59 -10.63 26.78 -23.48
CA GLU D 59 -9.69 27.74 -22.86
C GLU D 59 -8.48 28.00 -23.77
N ASN D 60 -7.94 26.94 -24.39
CA ASN D 60 -6.73 27.03 -25.23
C ASN D 60 -6.96 27.39 -26.71
N ILE D 61 -8.20 27.72 -27.09
CA ILE D 61 -8.48 28.13 -28.48
C ILE D 61 -8.70 29.64 -28.57
N ASN D 62 -8.50 30.15 -29.79
CA ASN D 62 -8.48 31.57 -30.11
C ASN D 62 -9.85 32.06 -30.65
N ILE D 63 -10.84 31.16 -30.74
CA ILE D 63 -12.17 31.53 -31.24
C ILE D 63 -13.24 31.17 -30.17
N PRO D 64 -14.38 31.85 -30.19
CA PRO D 64 -15.52 31.38 -29.38
C PRO D 64 -16.05 29.95 -29.69
N ALA D 65 -16.78 29.39 -28.74
CA ALA D 65 -17.32 28.05 -28.85
C ALA D 65 -18.47 27.80 -27.88
N GLN D 66 -19.63 27.40 -28.42
CA GLN D 66 -20.72 26.90 -27.58
C GLN D 66 -20.40 25.54 -26.98
N ILE D 67 -20.80 25.35 -25.71
CA ILE D 67 -20.54 24.13 -24.95
C ILE D 67 -21.86 23.57 -24.48
N PHE D 68 -22.06 22.30 -24.74
CA PHE D 68 -23.31 21.61 -24.41
C PHE D 68 -23.01 20.46 -23.46
N VAL D 69 -24.01 20.08 -22.68
CA VAL D 69 -23.92 18.90 -21.81
C VAL D 69 -23.98 17.63 -22.65
N GLU D 70 -23.10 16.68 -22.35
CA GLU D 70 -22.89 15.53 -23.22
C GLU D 70 -24.08 14.59 -23.33
N PHE D 71 -24.91 14.53 -22.30
CA PHE D 71 -26.06 13.65 -22.32
C PHE D 71 -27.07 14.12 -23.35
N ASP D 72 -27.34 15.40 -23.38
CA ASP D 72 -28.28 15.95 -24.34
C ASP D 72 -27.70 15.91 -25.75
N ALA D 73 -26.39 16.10 -25.87
CA ALA D 73 -25.75 16.10 -27.17
C ALA D 73 -25.83 14.68 -27.77
N ALA D 74 -25.35 13.69 -27.02
CA ALA D 74 -25.43 12.26 -27.42
C ALA D 74 -26.83 11.87 -27.84
N SER D 75 -27.83 12.27 -27.07
CA SER D 75 -29.23 11.94 -27.41
C SER D 75 -29.62 12.52 -28.75
N GLN D 76 -29.23 13.76 -29.00
CA GLN D 76 -29.65 14.43 -30.21
C GLN D 76 -28.92 13.92 -31.47
N GLY D 77 -27.62 13.70 -31.34
CA GLY D 77 -26.84 13.11 -32.41
C GLY D 77 -27.29 11.70 -32.76
N LEU D 78 -27.73 10.94 -31.76
CA LEU D 78 -28.09 9.54 -31.95
C LEU D 78 -29.41 9.44 -32.66
N GLY D 79 -30.36 10.27 -32.29
CA GLY D 79 -31.62 10.40 -33.04
C GLY D 79 -31.44 10.84 -34.49
N ILE D 80 -30.43 11.67 -34.76
CA ILE D 80 -30.10 12.03 -36.13
C ILE D 80 -29.59 10.82 -36.88
N LEU D 81 -28.61 10.12 -36.33
CA LEU D 81 -28.08 8.89 -36.95
C LEU D 81 -29.12 7.75 -37.06
N LEU D 82 -30.00 7.62 -36.08
CA LEU D 82 -31.04 6.58 -36.15
C LEU D 82 -31.97 6.79 -37.33
N LYS D 83 -32.47 8.01 -37.47
CA LYS D 83 -33.24 8.44 -38.65
C LYS D 83 -32.53 8.19 -39.97
N GLU D 84 -31.30 8.67 -40.07
CA GLU D 84 -30.47 8.51 -41.28
C GLU D 84 -30.29 7.05 -41.70
N GLN D 85 -30.24 6.15 -40.72
CA GLN D 85 -30.03 4.73 -40.95
C GLN D 85 -31.30 3.88 -40.87
N GLY D 86 -32.46 4.52 -41.03
CA GLY D 86 -33.73 3.81 -41.27
C GLY D 86 -34.49 3.26 -40.07
N HIS D 87 -34.10 3.65 -38.87
CA HIS D 87 -34.77 3.22 -37.64
C HIS D 87 -35.75 4.30 -37.23
N ASP D 88 -37.02 3.94 -37.05
CA ASP D 88 -37.99 4.80 -36.35
C ASP D 88 -38.42 4.08 -35.08
N LEU D 89 -37.70 4.37 -34.01
CA LEU D 89 -37.96 3.77 -32.72
C LEU D 89 -38.76 4.77 -31.93
N ALA D 90 -39.95 4.37 -31.54
CA ALA D 90 -40.80 5.22 -30.73
C ALA D 90 -40.10 5.65 -29.41
N ASP D 91 -39.48 4.69 -28.73
CA ASP D 91 -38.71 4.91 -27.49
C ASP D 91 -37.52 3.94 -27.43
N TYR D 92 -36.64 4.11 -26.44
CA TYR D 92 -35.48 3.22 -26.28
C TYR D 92 -34.59 3.60 -25.10
N ILE D 93 -33.90 2.58 -24.58
CA ILE D 93 -32.73 2.79 -23.75
C ILE D 93 -31.53 3.02 -24.69
N PHE D 94 -30.64 3.94 -24.32
CA PHE D 94 -29.32 3.90 -24.92
C PHE D 94 -28.21 3.85 -23.90
N ALA D 95 -27.19 3.08 -24.25
CA ALA D 95 -26.13 2.76 -23.35
C ALA D 95 -24.93 3.30 -24.05
N ASN D 96 -24.43 4.42 -23.53
CA ASN D 96 -23.24 5.03 -24.06
C ASN D 96 -22.04 4.36 -23.41
N VAL D 97 -21.40 3.45 -24.12
CA VAL D 97 -20.28 2.67 -23.59
C VAL D 97 -18.92 3.27 -23.99
N GLY D 98 -18.46 4.17 -23.13
CA GLY D 98 -17.19 4.85 -23.33
C GLY D 98 -16.09 4.40 -22.39
N THR D 99 -15.32 5.35 -21.88
CA THR D 99 -14.36 5.02 -20.83
C THR D 99 -15.13 4.32 -19.67
N GLY D 100 -16.25 4.93 -19.32
CA GLY D 100 -17.26 4.35 -18.50
C GLY D 100 -18.57 4.34 -19.25
N THR D 101 -19.60 3.80 -18.61
CA THR D 101 -20.91 3.63 -19.20
C THR D 101 -22.01 4.46 -18.52
N SER D 102 -22.72 5.26 -19.32
CA SER D 102 -23.90 6.01 -18.92
C SER D 102 -25.13 5.48 -19.63
N LEU D 103 -26.23 5.26 -18.91
CA LEU D 103 -27.45 4.70 -19.50
C LEU D 103 -28.58 5.70 -19.46
N HIS D 104 -29.35 5.70 -20.55
CA HIS D 104 -30.35 6.74 -20.78
C HIS D 104 -31.64 6.14 -21.26
N TYR D 105 -32.76 6.76 -20.89
CA TYR D 105 -34.08 6.41 -21.44
C TYR D 105 -34.57 7.57 -22.28
N PHE D 106 -34.74 7.31 -23.57
CA PHE D 106 -35.29 8.27 -24.50
C PHE D 106 -36.77 7.91 -24.70
N ASP D 107 -37.67 8.81 -24.34
CA ASP D 107 -39.14 8.53 -24.41
C ASP D 107 -39.84 8.89 -25.73
N GLY D 108 -39.08 9.38 -26.71
CA GLY D 108 -39.63 9.81 -27.99
C GLY D 108 -39.42 11.29 -28.23
N GLN D 109 -39.34 12.08 -27.15
CA GLN D 109 -39.07 13.54 -27.26
C GLN D 109 -37.81 13.96 -26.54
N SER D 110 -37.51 13.37 -25.40
CA SER D 110 -36.25 13.71 -24.72
C SER D 110 -35.70 12.56 -23.88
N GLN D 111 -34.46 12.75 -23.43
CA GLN D 111 -33.73 11.73 -22.69
C GLN D 111 -33.59 12.03 -21.22
N ARG D 112 -33.38 10.97 -20.46
CA ARG D 112 -33.12 11.06 -19.04
C ARG D 112 -32.08 10.01 -18.68
N ARG D 113 -31.08 10.40 -17.89
CA ARG D 113 -30.11 9.46 -17.38
C ARG D 113 -30.80 8.58 -16.32
N VAL D 114 -30.79 7.28 -16.54
CA VAL D 114 -31.43 6.36 -15.59
C VAL D 114 -30.42 5.48 -14.89
N GLY D 115 -29.14 5.71 -15.13
CA GLY D 115 -28.08 4.94 -14.46
C GLY D 115 -26.71 5.05 -15.09
N GLY D 116 -25.75 4.44 -14.44
CA GLY D 116 -24.43 4.36 -14.99
C GLY D 116 -23.61 3.38 -14.23
N ILE D 117 -22.48 3.00 -14.80
CA ILE D 117 -21.59 2.04 -14.18
C ILE D 117 -20.20 2.28 -14.73
N GLY D 118 -19.18 1.97 -13.93
CA GLY D 118 -17.79 2.12 -14.32
C GLY D 118 -17.21 0.93 -15.06
N THR D 119 -18.05 -0.02 -15.52
CA THR D 119 -17.63 -1.09 -16.41
C THR D 119 -17.85 -0.63 -17.84
N GLY D 120 -16.76 -0.54 -18.59
CA GLY D 120 -16.79 0.05 -19.90
C GLY D 120 -15.44 -0.14 -20.51
N GLY D 121 -15.11 0.76 -21.43
CA GLY D 121 -13.90 0.66 -22.24
C GLY D 121 -12.62 0.90 -21.48
N GLY D 122 -12.69 1.81 -20.50
CA GLY D 122 -11.56 2.09 -19.64
C GLY D 122 -11.18 0.89 -18.81
N MET D 123 -12.16 0.06 -18.44
CA MET D 123 -11.89 -1.18 -17.72
C MET D 123 -11.30 -2.23 -18.62
N ILE D 124 -11.74 -2.27 -19.88
CA ILE D 124 -11.16 -3.23 -20.84
C ILE D 124 -9.67 -2.93 -21.02
N GLN D 125 -9.33 -1.65 -21.22
CA GLN D 125 -7.94 -1.25 -21.37
C GLN D 125 -7.12 -1.46 -20.09
N GLY D 126 -7.66 -1.00 -18.98
CA GLY D 126 -6.93 -0.96 -17.73
C GLY D 126 -6.72 -2.32 -17.11
N LEU D 127 -7.81 -3.05 -16.89
CA LEU D 127 -7.71 -4.41 -16.39
C LEU D 127 -7.01 -5.26 -17.42
N GLY D 128 -7.27 -4.96 -18.70
CA GLY D 128 -6.64 -5.66 -19.80
C GLY D 128 -5.14 -5.56 -19.67
N TYR D 129 -4.66 -4.34 -19.46
CA TYR D 129 -3.26 -4.12 -19.20
C TYR D 129 -2.76 -4.94 -18.01
N LEU D 130 -3.47 -4.91 -16.89
CA LEU D 130 -2.99 -5.62 -15.72
C LEU D 130 -2.89 -7.12 -15.97
N LEU D 131 -3.78 -7.67 -16.80
CA LEU D 131 -3.75 -9.11 -17.03
C LEU D 131 -2.87 -9.56 -18.19
N SER D 132 -2.28 -8.62 -18.92
CA SER D 132 -1.52 -8.98 -20.14
C SER D 132 -0.30 -8.10 -20.48
N GLN D 133 -0.16 -6.98 -19.82
CA GLN D 133 0.87 -5.97 -20.06
C GLN D 133 0.80 -5.36 -21.47
N ILE D 134 -0.30 -5.61 -22.22
CA ILE D 134 -0.54 -4.98 -23.55
C ILE D 134 -1.20 -3.61 -23.32
N THR D 135 -0.58 -2.58 -23.85
CA THR D 135 -1.07 -1.21 -23.73
C THR D 135 -1.68 -0.69 -25.04
N ASP D 136 -1.35 -1.33 -26.16
CA ASP D 136 -1.88 -0.92 -27.46
C ASP D 136 -3.29 -1.49 -27.57
N TYR D 137 -4.24 -0.60 -27.84
CA TYR D 137 -5.65 -0.95 -27.88
C TYR D 137 -6.02 -1.97 -28.98
N LYS D 138 -5.55 -1.72 -30.19
CA LYS D 138 -5.82 -2.58 -31.33
C LYS D 138 -5.34 -4.01 -31.03
N GLN D 139 -4.11 -4.06 -30.56
CA GLN D 139 -3.47 -5.31 -30.17
C GLN D 139 -4.23 -6.04 -29.06
N LEU D 140 -4.57 -5.28 -28.00
CA LEU D 140 -5.35 -5.79 -26.85
C LEU D 140 -6.68 -6.43 -27.24
N THR D 141 -7.46 -5.70 -28.04
CA THR D 141 -8.72 -6.18 -28.53
C THR D 141 -8.58 -7.30 -29.54
N ASP D 142 -7.59 -7.24 -30.45
CA ASP D 142 -7.40 -8.35 -31.43
C ASP D 142 -7.14 -9.66 -30.70
N MET D 143 -6.27 -9.58 -29.69
CA MET D 143 -5.81 -10.72 -28.91
C MET D 143 -6.95 -11.42 -28.15
N ALA D 144 -7.89 -10.61 -27.65
CA ALA D 144 -9.08 -11.09 -26.97
C ALA D 144 -10.06 -11.87 -27.85
N GLN D 145 -10.07 -11.59 -29.15
CA GLN D 145 -11.13 -12.08 -30.04
C GLN D 145 -11.42 -13.56 -30.14
N HIS D 146 -10.42 -14.43 -30.09
CA HIS D 146 -10.62 -15.89 -30.15
C HIS D 146 -10.21 -16.55 -28.88
N GLY D 147 -10.08 -15.73 -27.82
CA GLY D 147 -9.91 -16.21 -26.45
C GLY D 147 -11.05 -17.09 -26.02
N ASP D 148 -10.77 -18.00 -25.12
CA ASP D 148 -11.74 -18.98 -24.61
C ASP D 148 -11.97 -18.72 -23.12
N ARG D 149 -13.22 -18.69 -22.73
CA ARG D 149 -13.61 -18.26 -21.40
C ARG D 149 -13.94 -19.46 -20.47
N ASN D 150 -14.10 -20.66 -21.03
CA ASN D 150 -14.61 -21.88 -20.32
C ASN D 150 -13.84 -22.31 -19.05
N THR D 151 -12.53 -22.13 -19.04
CA THR D 151 -11.72 -22.40 -17.84
C THR D 151 -11.71 -21.23 -16.85
N ILE D 152 -12.17 -20.06 -17.28
CA ILE D 152 -12.21 -18.88 -16.44
C ILE D 152 -13.60 -18.61 -15.79
N ASP D 153 -14.68 -18.62 -16.58
CA ASP D 153 -16.02 -18.30 -16.09
C ASP D 153 -16.71 -19.54 -15.58
N LEU D 154 -17.56 -19.32 -14.58
CA LEU D 154 -18.45 -20.33 -14.01
C LEU D 154 -19.89 -20.05 -14.41
N LYS D 155 -20.58 -21.13 -14.81
CA LYS D 155 -21.93 -21.10 -15.38
C LYS D 155 -22.90 -21.65 -14.35
N VAL D 156 -24.18 -21.29 -14.48
CA VAL D 156 -25.22 -21.77 -13.53
C VAL D 156 -25.23 -23.31 -13.42
N ARG D 157 -25.00 -23.99 -14.54
CA ARG D 157 -24.99 -25.45 -14.51
C ARG D 157 -23.79 -26.06 -13.82
N HIS D 158 -22.67 -25.30 -13.72
CA HIS D 158 -21.48 -25.78 -13.02
C HIS D 158 -21.71 -25.86 -11.50
N ILE D 159 -22.66 -25.07 -11.01
CA ILE D 159 -22.99 -25.02 -9.63
C ILE D 159 -24.10 -25.98 -9.35
N TYR D 160 -25.05 -26.10 -10.25
CA TYR D 160 -26.14 -27.02 -10.08
C TYR D 160 -25.89 -28.41 -10.67
N LYS D 161 -24.72 -28.98 -10.51
CA LYS D 161 -24.41 -30.29 -11.09
C LYS D 161 -25.40 -31.43 -10.93
N ASP D 162 -25.99 -31.76 -12.07
CA ASP D 162 -26.99 -32.79 -12.20
C ASP D 162 -28.14 -32.47 -11.26
N THR D 163 -28.63 -31.25 -11.40
CA THR D 163 -29.73 -30.78 -10.57
C THR D 163 -30.38 -29.68 -11.30
N GLU D 164 -31.68 -29.72 -11.38
CA GLU D 164 -32.38 -28.70 -12.10
C GLU D 164 -32.11 -27.30 -11.60
N PRO D 165 -31.50 -26.40 -12.37
CA PRO D 165 -31.38 -25.04 -11.88
C PRO D 165 -32.68 -24.24 -11.95
N PRO D 166 -32.85 -23.22 -11.09
CA PRO D 166 -34.02 -22.33 -11.14
C PRO D 166 -33.88 -21.11 -12.10
N ILE D 167 -32.72 -20.96 -12.74
CA ILE D 167 -32.58 -20.06 -13.88
C ILE D 167 -31.78 -20.80 -14.95
N PRO D 168 -31.80 -20.30 -16.21
CA PRO D 168 -31.16 -21.10 -17.27
C PRO D 168 -29.70 -21.41 -16.93
N GLY D 169 -29.35 -22.71 -17.02
CA GLY D 169 -28.02 -23.22 -16.72
C GLY D 169 -26.85 -22.77 -17.58
N ASP D 170 -27.11 -22.26 -18.77
CA ASP D 170 -26.05 -21.69 -19.57
C ASP D 170 -25.63 -20.25 -19.11
N LEU D 171 -26.39 -19.62 -18.22
CA LEU D 171 -26.05 -18.27 -17.80
C LEU D 171 -24.69 -18.28 -17.08
N THR D 172 -23.91 -17.23 -17.29
CA THR D 172 -22.74 -16.99 -16.46
C THR D 172 -23.22 -16.75 -15.01
N ALA D 173 -22.68 -17.56 -14.09
CA ALA D 173 -22.97 -17.48 -12.66
C ALA D 173 -21.93 -16.64 -11.98
N ALA D 174 -20.67 -16.83 -12.33
CA ALA D 174 -19.59 -16.08 -11.71
C ALA D 174 -18.45 -15.87 -12.70
N ASN D 175 -18.26 -14.61 -13.06
CA ASN D 175 -17.15 -14.21 -13.88
C ASN D 175 -15.82 -14.45 -13.14
N PHE D 176 -14.88 -15.18 -13.75
CA PHE D 176 -13.65 -15.57 -13.11
C PHE D 176 -13.90 -16.62 -12.01
N GLY D 177 -15.11 -17.15 -11.95
CA GLY D 177 -15.48 -18.03 -10.87
C GLY D 177 -14.94 -19.44 -11.04
N HIS D 178 -14.44 -19.77 -12.25
CA HIS D 178 -13.85 -21.09 -12.52
C HIS D 178 -12.35 -21.10 -12.34
N VAL D 179 -11.72 -19.93 -12.32
CA VAL D 179 -10.29 -19.84 -12.19
C VAL D 179 -9.76 -20.77 -11.12
N LEU D 180 -10.34 -20.75 -9.93
CA LEU D 180 -9.84 -21.61 -8.82
C LEU D 180 -10.01 -23.12 -8.98
N HIS D 181 -10.83 -23.57 -9.93
CA HIS D 181 -10.93 -25.00 -10.32
C HIS D 181 -9.98 -25.44 -11.46
N HIS D 182 -9.16 -24.52 -11.96
CA HIS D 182 -8.25 -24.79 -13.06
C HIS D 182 -6.88 -24.19 -12.77
N LEU D 183 -6.46 -24.35 -11.54
CA LEU D 183 -5.17 -23.82 -11.10
C LEU D 183 -4.00 -24.49 -11.75
N ASP D 184 -4.24 -25.63 -12.35
CA ASP D 184 -3.21 -26.36 -13.01
C ASP D 184 -3.02 -25.91 -14.46
N ALA D 185 -4.04 -25.29 -15.00
CA ALA D 185 -4.05 -24.76 -16.34
C ALA D 185 -3.29 -23.45 -16.41
N ASP D 186 -2.95 -23.08 -17.61
CA ASP D 186 -2.28 -21.83 -17.84
C ASP D 186 -3.33 -20.86 -18.25
N PHE D 187 -3.29 -19.66 -17.68
CA PHE D 187 -4.25 -18.67 -18.07
C PHE D 187 -3.60 -17.81 -19.11
N THR D 188 -3.87 -18.11 -20.36
CA THR D 188 -3.29 -17.35 -21.43
C THR D 188 -3.86 -15.97 -21.47
N PRO D 189 -3.18 -15.05 -22.10
CA PRO D 189 -3.63 -13.68 -22.16
C PRO D 189 -4.92 -13.49 -22.98
N SER D 190 -5.10 -14.31 -23.97
CA SER D 190 -6.28 -14.24 -24.78
C SER D 190 -7.52 -14.74 -24.03
N ASN D 191 -7.39 -15.77 -23.21
CA ASN D 191 -8.50 -16.28 -22.43
C ASN D 191 -8.87 -15.30 -21.37
N LYS D 192 -7.88 -14.71 -20.79
CA LYS D 192 -8.05 -13.72 -19.79
C LYS D 192 -8.70 -12.46 -20.37
N LEU D 193 -8.15 -11.95 -21.46
CA LEU D 193 -8.76 -10.79 -22.12
C LEU D 193 -10.19 -11.04 -22.63
N ALA D 194 -10.48 -12.24 -23.09
CA ALA D 194 -11.84 -12.55 -23.49
C ALA D 194 -12.80 -12.46 -22.31
N ALA D 195 -12.31 -12.82 -21.11
CA ALA D 195 -13.09 -12.83 -19.85
C ALA D 195 -13.31 -11.42 -19.25
N VAL D 196 -12.35 -10.52 -19.45
CA VAL D 196 -12.51 -9.09 -19.13
C VAL D 196 -13.65 -8.48 -19.92
N ILE D 197 -13.63 -8.68 -21.22
CA ILE D 197 -14.65 -8.21 -22.13
C ILE D 197 -15.98 -8.87 -21.85
N GLY D 198 -15.93 -10.18 -21.64
CA GLY D 198 -17.08 -10.97 -21.18
C GLY D 198 -17.79 -10.31 -20.01
N VAL D 199 -17.08 -10.02 -18.91
CA VAL D 199 -17.68 -9.40 -17.74
C VAL D 199 -18.20 -7.98 -18.03
N VAL D 200 -17.40 -7.15 -18.72
CA VAL D 200 -17.82 -5.78 -19.07
C VAL D 200 -19.13 -5.83 -19.92
N GLY D 201 -19.15 -6.71 -20.93
CA GLY D 201 -20.31 -6.94 -21.79
C GLY D 201 -21.54 -7.37 -21.03
N GLU D 202 -21.40 -8.32 -20.14
CA GLU D 202 -22.53 -8.79 -19.36
C GLU D 202 -23.03 -7.78 -18.33
N VAL D 203 -22.16 -6.94 -17.80
CA VAL D 203 -22.62 -5.95 -16.81
C VAL D 203 -23.39 -4.86 -17.53
N VAL D 204 -22.82 -4.34 -18.60
CA VAL D 204 -23.49 -3.27 -19.35
C VAL D 204 -24.89 -3.74 -19.78
N THR D 205 -24.95 -4.93 -20.38
CA THR D 205 -26.20 -5.51 -20.88
C THR D 205 -27.22 -5.74 -19.78
N THR D 206 -26.79 -6.34 -18.68
CA THR D 206 -27.65 -6.55 -17.51
C THR D 206 -28.26 -5.26 -17.01
N MET D 207 -27.44 -4.23 -16.92
CA MET D 207 -27.91 -2.92 -16.54
C MET D 207 -28.90 -2.38 -17.55
N ALA D 208 -28.58 -2.54 -18.84
CA ALA D 208 -29.42 -2.01 -19.91
C ALA D 208 -30.76 -2.72 -20.01
N ILE D 209 -30.78 -4.04 -19.93
CA ILE D 209 -32.04 -4.77 -19.97
C ILE D 209 -32.87 -4.52 -18.73
N THR D 210 -32.23 -4.24 -17.61
CA THR D 210 -32.96 -3.94 -16.37
C THR D 210 -33.73 -2.63 -16.47
N VAL D 211 -33.05 -1.59 -16.92
CA VAL D 211 -33.73 -0.29 -17.10
C VAL D 211 -34.70 -0.29 -18.30
N ALA D 212 -34.46 -1.17 -19.29
CA ALA D 212 -35.43 -1.37 -20.39
C ALA D 212 -36.73 -1.85 -19.86
N ARG D 213 -36.69 -2.85 -19.01
CA ARG D 213 -37.88 -3.37 -18.33
C ARG D 213 -38.56 -2.29 -17.47
N GLU D 214 -37.79 -1.63 -16.64
CA GLU D 214 -38.28 -0.55 -15.77
C GLU D 214 -39.08 0.52 -16.54
N PHE D 215 -38.55 0.97 -17.67
CA PHE D 215 -39.19 2.04 -18.46
C PHE D 215 -40.03 1.51 -19.62
N LYS D 216 -40.31 0.22 -19.57
CA LYS D 216 -41.25 -0.48 -20.41
C LYS D 216 -40.99 -0.27 -21.90
N THR D 217 -39.71 -0.40 -22.28
CA THR D 217 -39.29 -0.39 -23.71
C THR D 217 -38.54 -1.70 -23.96
N GLU D 218 -38.59 -2.18 -25.20
CA GLU D 218 -37.81 -3.36 -25.61
C GLU D 218 -36.60 -2.99 -26.41
N ASN D 219 -36.45 -1.70 -26.72
CA ASN D 219 -35.37 -1.26 -27.60
C ASN D 219 -34.17 -0.77 -26.83
N ILE D 220 -33.02 -1.32 -27.15
CA ILE D 220 -31.78 -0.93 -26.52
C ILE D 220 -30.77 -0.60 -27.60
N VAL D 221 -30.31 0.66 -27.60
CA VAL D 221 -29.33 1.12 -28.55
C VAL D 221 -27.97 1.24 -27.86
N TYR D 222 -27.00 0.50 -28.36
CA TYR D 222 -25.63 0.52 -27.86
C TYR D 222 -24.73 1.42 -28.67
N ILE D 223 -24.06 2.36 -28.00
CA ILE D 223 -23.11 3.24 -28.68
C ILE D 223 -21.82 3.38 -27.86
N GLY D 224 -20.85 4.14 -28.40
CA GLY D 224 -19.55 4.43 -27.76
C GLY D 224 -18.42 3.76 -28.52
N SER D 225 -17.19 4.28 -28.36
CA SER D 225 -16.04 3.71 -29.06
C SER D 225 -15.60 2.33 -28.56
N SER D 226 -16.09 1.90 -27.38
CA SER D 226 -15.74 0.59 -26.83
C SER D 226 -16.03 -0.56 -27.77
N PHE D 227 -16.83 -0.31 -28.78
CA PHE D 227 -17.21 -1.34 -29.71
C PHE D 227 -16.26 -1.47 -30.91
N HIS D 228 -15.53 -0.40 -31.23
CA HIS D 228 -14.61 -0.38 -32.37
C HIS D 228 -13.51 -1.42 -32.21
N ASN D 229 -13.31 -2.23 -33.24
CA ASN D 229 -12.36 -3.31 -33.24
C ASN D 229 -12.59 -4.32 -32.12
N ASN D 230 -13.84 -4.49 -31.69
CA ASN D 230 -14.16 -5.49 -30.68
C ASN D 230 -15.47 -6.20 -30.96
N ALA D 231 -15.42 -7.08 -31.97
CA ALA D 231 -16.56 -7.89 -32.38
C ALA D 231 -17.05 -8.76 -31.23
N LEU D 232 -16.12 -9.24 -30.41
CA LEU D 232 -16.47 -10.04 -29.25
C LEU D 232 -17.38 -9.26 -28.27
N LEU D 233 -17.07 -7.99 -28.03
CA LEU D 233 -17.90 -7.17 -27.17
C LEU D 233 -19.32 -6.95 -27.73
N ARG D 234 -19.44 -6.75 -29.03
CA ARG D 234 -20.76 -6.73 -29.65
C ARG D 234 -21.51 -8.02 -29.48
N LYS D 235 -20.86 -9.13 -29.70
CA LYS D 235 -21.54 -10.42 -29.72
C LYS D 235 -22.11 -10.82 -28.34
N VAL D 236 -21.27 -10.64 -27.31
CA VAL D 236 -21.63 -10.86 -25.92
C VAL D 236 -22.86 -9.99 -25.57
N VAL D 237 -22.78 -8.70 -25.91
CA VAL D 237 -23.87 -7.75 -25.64
C VAL D 237 -25.13 -8.08 -26.42
N GLU D 238 -24.96 -8.27 -27.71
CA GLU D 238 -26.03 -8.66 -28.62
C GLU D 238 -26.74 -9.96 -28.21
N ASP D 239 -25.96 -11.02 -27.99
CA ASP D 239 -26.51 -12.35 -27.66
C ASP D 239 -27.34 -12.28 -26.39
N TYR D 240 -26.78 -11.66 -25.36
CA TYR D 240 -27.48 -11.57 -24.09
C TYR D 240 -28.73 -10.66 -24.13
N THR D 241 -28.68 -9.54 -24.86
CA THR D 241 -29.85 -8.67 -25.01
C THR D 241 -31.01 -9.45 -25.60
N VAL D 242 -30.72 -10.16 -26.69
CA VAL D 242 -31.69 -11.05 -27.37
C VAL D 242 -32.21 -12.15 -26.40
N LEU D 243 -31.31 -12.90 -25.77
CA LEU D 243 -31.74 -13.82 -24.69
C LEU D 243 -32.77 -13.19 -23.72
N ARG D 244 -32.62 -11.92 -23.38
CA ARG D 244 -33.52 -11.22 -22.43
C ARG D 244 -34.80 -10.62 -23.06
N GLY D 245 -35.08 -10.89 -24.33
CA GLY D 245 -36.27 -10.39 -24.98
C GLY D 245 -36.24 -8.94 -25.38
N CYS D 246 -35.05 -8.38 -25.64
CA CYS D 246 -34.88 -7.00 -26.09
C CYS D 246 -34.17 -6.96 -27.45
N LYS D 247 -34.37 -5.91 -28.22
CA LYS D 247 -33.77 -5.76 -29.53
C LYS D 247 -32.50 -4.95 -29.32
N PRO D 248 -31.33 -5.50 -29.67
CA PRO D 248 -30.14 -4.67 -29.70
C PRO D 248 -29.98 -3.89 -31.01
N TYR D 249 -29.45 -2.66 -30.93
CA TYR D 249 -29.13 -1.86 -32.11
C TYR D 249 -27.78 -1.24 -31.98
N TYR D 250 -26.93 -1.44 -32.99
CA TYR D 250 -25.70 -0.66 -33.18
C TYR D 250 -25.94 0.41 -34.23
N VAL D 251 -25.11 1.40 -34.26
CA VAL D 251 -25.33 2.56 -35.11
C VAL D 251 -24.03 2.89 -35.79
N GLU D 252 -24.06 3.05 -37.11
CA GLU D 252 -22.89 3.51 -37.84
C GLU D 252 -22.49 4.88 -37.29
N ASN D 253 -21.23 5.01 -36.91
CA ASN D 253 -20.68 6.18 -36.26
C ASN D 253 -21.37 6.56 -34.96
N GLY D 254 -21.88 5.58 -34.24
CA GLY D 254 -22.56 5.80 -32.97
C GLY D 254 -21.68 6.50 -31.96
N ALA D 255 -20.38 6.21 -31.98
CA ALA D 255 -19.41 6.89 -31.12
C ALA D 255 -19.32 8.42 -31.33
N PHE D 256 -19.76 8.91 -32.49
CA PHE D 256 -19.76 10.35 -32.80
C PHE D 256 -21.08 11.05 -32.49
N SER D 257 -22.00 10.33 -31.84
CA SER D 257 -23.33 10.86 -31.54
C SER D 257 -23.26 12.19 -30.83
N GLY D 258 -22.38 12.25 -29.83
CA GLY D 258 -22.13 13.48 -29.07
C GLY D 258 -21.53 14.65 -29.88
N ALA D 259 -20.59 14.34 -30.77
CA ALA D 259 -20.00 15.37 -31.62
C ALA D 259 -21.05 15.92 -32.56
N ILE D 260 -21.89 15.05 -33.12
CA ILE D 260 -22.97 15.45 -34.06
C ILE D 260 -24.01 16.28 -33.35
N GLY D 261 -24.50 15.75 -32.23
CA GLY D 261 -25.48 16.45 -31.41
C GLY D 261 -25.09 17.88 -31.06
N ALA D 262 -23.83 18.08 -30.67
CA ALA D 262 -23.30 19.41 -30.38
C ALA D 262 -23.49 20.37 -31.56
N LEU D 263 -23.27 19.87 -32.77
CA LEU D 263 -23.53 20.64 -34.01
C LEU D 263 -24.96 21.09 -34.22
N TYR D 264 -25.93 20.23 -33.88
CA TYR D 264 -27.34 20.47 -34.19
C TYR D 264 -28.14 20.88 -32.99
N LEU D 265 -27.51 21.60 -32.07
CA LEU D 265 -28.17 22.21 -30.92
C LEU D 265 -27.97 23.74 -30.98
#